data_9F8J
#
_entry.id   9F8J
#
_cell.length_a   69.363
_cell.length_b   69.088
_cell.length_c   82.993
_cell.angle_alpha   90.00
_cell.angle_beta   90.05
_cell.angle_gamma   90.00
#
_symmetry.space_group_name_H-M   'P 1 21 1'
#
loop_
_entity.id
_entity.type
_entity.pdbx_description
1 polymer 'Phenazine biosynthesis protein A/B'
2 non-polymer (3-bromophenyl)-[2-(4-hydroxyphenyl)-6-oxidanyl-1-benzothiophen-3-yl]methanone
3 non-polymer '2-(N-MORPHOLINO)-ETHANESULFONIC ACID'
4 non-polymer GLYCEROL
5 water water
#
_entity_poly.entity_id   1
_entity_poly.type   'polypeptide(L)'
_entity_poly.pdbx_seq_one_letter_code
;MGSSHHHHHHSSGLVPRGSHMSDVESLENTSENRAQVAARQHNRKIVEQYMHTRGEARLKRHLLFTEDGVGGLWTTDSGQ
PIAIRGREKLGEHAVWSLQCFPDWVWTDIQIFETQDPNWFWVECRGEGAIVFPGYPRGQYRNHFLHSFRFENGLIKEQRE
FMNPCEQFRSLGIEVPEVRRDGLPS
;
_entity_poly.pdbx_strand_id   A,B,C,D
#
loop_
_chem_comp.id
_chem_comp.type
_chem_comp.name
_chem_comp.formula
A1IAG non-polymer (3-bromophenyl)-[2-(4-hydroxyphenyl)-6-oxidanyl-1-benzothiophen-3-yl]methanone 'C21 H13 Br O3 S'
GOL non-polymer GLYCEROL 'C3 H8 O3'
MES non-polymer '2-(N-MORPHOLINO)-ETHANESULFONIC ACID' 'C6 H13 N O4 S'
#
# COMPACT_ATOMS: atom_id res chain seq x y z
N GLU A 32 12.66 -1.88 -14.70
CA GLU A 32 12.35 -3.00 -13.83
C GLU A 32 13.09 -2.86 -12.49
N ASN A 33 14.32 -2.34 -12.54
CA ASN A 33 15.06 -2.09 -11.31
C ASN A 33 14.41 -0.97 -10.50
N ARG A 34 13.82 0.02 -11.16
CA ARG A 34 13.06 1.05 -10.46
C ARG A 34 11.88 0.43 -9.71
N ALA A 35 11.11 -0.41 -10.41
CA ALA A 35 9.98 -1.09 -9.78
C ALA A 35 10.44 -1.91 -8.58
N GLN A 36 11.53 -2.68 -8.73
CA GLN A 36 12.03 -3.49 -7.64
C GLN A 36 12.42 -2.62 -6.45
N VAL A 37 13.16 -1.53 -6.71
CA VAL A 37 13.62 -0.67 -5.62
C VAL A 37 12.42 -0.09 -4.88
N ALA A 38 11.46 0.46 -5.63
CA ALA A 38 10.28 1.06 -5.03
C ALA A 38 9.59 0.08 -4.08
N ALA A 39 9.32 -1.14 -4.57
CA ALA A 39 8.66 -2.14 -3.75
C ALA A 39 9.42 -2.35 -2.43
N ARG A 40 10.74 -2.47 -2.50
CA ARG A 40 11.48 -2.89 -1.30
C ARG A 40 11.35 -1.86 -0.17
N GLN A 41 11.40 -0.57 -0.49
CA GLN A 41 11.36 0.45 0.56
C GLN A 41 9.99 0.49 1.24
N HIS A 42 8.93 0.40 0.47
CA HIS A 42 7.61 0.39 1.07
C HIS A 42 7.41 -0.86 1.92
N ASN A 43 7.79 -2.02 1.39
CA ASN A 43 7.60 -3.27 2.12
C ASN A 43 8.37 -3.29 3.43
N ARG A 44 9.58 -2.73 3.45
CA ARG A 44 10.35 -2.65 4.70
C ARG A 44 9.56 -1.90 5.77
N LYS A 45 8.92 -0.78 5.38
CA LYS A 45 8.14 -0.02 6.35
C LYS A 45 7.03 -0.89 6.94
N ILE A 46 6.41 -1.74 6.12
CA ILE A 46 5.34 -2.59 6.59
C ILE A 46 5.88 -3.64 7.57
N VAL A 47 7.01 -4.26 7.24
CA VAL A 47 7.64 -5.21 8.17
C VAL A 47 7.93 -4.52 9.51
N GLU A 48 8.51 -3.32 9.44
CA GLU A 48 8.78 -2.53 10.64
C GLU A 48 7.50 -2.32 11.44
N GLN A 49 6.44 -1.89 10.77
CA GLN A 49 5.19 -1.63 11.48
C GLN A 49 4.65 -2.91 12.12
N TYR A 50 4.66 -4.02 11.37
CA TYR A 50 4.22 -5.30 11.92
C TYR A 50 5.00 -5.65 13.19
N MET A 51 6.33 -5.60 13.12
CA MET A 51 7.15 -6.00 14.26
C MET A 51 6.98 -5.09 15.45
N HIS A 52 6.55 -3.85 15.25
CA HIS A 52 6.38 -2.93 16.37
C HIS A 52 4.93 -2.79 16.80
N THR A 53 4.03 -3.60 16.27
CA THR A 53 2.62 -3.52 16.64
C THR A 53 2.41 -4.21 17.99
N ARG A 54 1.95 -3.43 18.97
CA ARG A 54 1.82 -3.90 20.33
C ARG A 54 0.48 -3.48 20.91
N GLY A 55 0.08 -4.18 21.98
CA GLY A 55 -1.12 -3.80 22.71
C GLY A 55 -2.35 -3.83 21.83
N GLU A 56 -3.24 -2.85 22.06
CA GLU A 56 -4.52 -2.82 21.36
C GLU A 56 -4.33 -2.68 19.86
N ALA A 57 -3.21 -2.10 19.42
CA ALA A 57 -2.95 -1.96 17.99
C ALA A 57 -2.89 -3.30 17.28
N ARG A 58 -2.65 -4.38 18.02
CA ARG A 58 -2.64 -5.71 17.40
C ARG A 58 -3.99 -6.04 16.78
N LEU A 59 -5.07 -5.43 17.27
CA LEU A 59 -6.39 -5.70 16.71
C LEU A 59 -6.52 -5.20 15.28
N LYS A 60 -5.62 -4.33 14.85
CA LYS A 60 -5.64 -3.81 13.48
C LYS A 60 -4.48 -4.32 12.63
N ARG A 61 -3.64 -5.21 13.17
CA ARG A 61 -2.46 -5.65 12.43
C ARG A 61 -2.83 -6.40 11.15
N HIS A 62 -4.02 -7.01 11.10
CA HIS A 62 -4.40 -7.75 9.91
C HIS A 62 -4.57 -6.85 8.71
N LEU A 63 -4.72 -5.53 8.94
CA LEU A 63 -4.85 -4.60 7.84
C LEU A 63 -3.54 -4.44 7.08
N LEU A 64 -2.45 -5.02 7.56
CA LEU A 64 -1.19 -5.04 6.83
C LEU A 64 -1.10 -6.19 5.86
N PHE A 65 -2.12 -7.03 5.78
CA PHE A 65 -2.15 -8.19 4.91
C PHE A 65 -3.03 -7.95 3.70
N THR A 66 -2.77 -8.72 2.65
CA THR A 66 -3.71 -8.82 1.56
C THR A 66 -5.00 -9.51 2.04
N GLU A 67 -6.06 -9.39 1.26
CA GLU A 67 -7.35 -9.98 1.65
C GLU A 67 -7.22 -11.49 1.83
N ASP A 68 -6.39 -12.13 1.03
CA ASP A 68 -6.12 -13.56 1.12
C ASP A 68 -4.83 -13.88 1.87
N GLY A 69 -4.33 -12.92 2.64
CA GLY A 69 -3.06 -13.12 3.31
C GLY A 69 -3.14 -14.23 4.35
N VAL A 70 -1.98 -14.82 4.62
CA VAL A 70 -1.84 -15.94 5.53
C VAL A 70 -0.79 -15.55 6.54
N GLY A 71 -1.02 -15.90 7.80
CA GLY A 71 0.00 -15.76 8.82
C GLY A 71 -0.05 -16.99 9.69
N GLY A 72 1.02 -17.21 10.46
CA GLY A 72 0.90 -18.24 11.46
C GLY A 72 2.24 -18.81 11.85
N LEU A 73 2.17 -19.95 12.53
CA LEU A 73 3.31 -20.57 13.20
C LEU A 73 3.73 -21.82 12.44
N TRP A 74 4.94 -21.85 11.93
CA TRP A 74 5.39 -22.95 11.11
C TRP A 74 6.08 -24.06 11.89
N THR A 75 6.38 -23.85 13.19
CA THR A 75 7.12 -24.79 14.01
C THR A 75 6.30 -25.14 15.24
N THR A 76 5.71 -26.34 15.24
CA THR A 76 4.85 -26.79 16.33
C THR A 76 5.20 -28.23 16.69
N ASP A 77 4.54 -28.73 17.74
CA ASP A 77 4.82 -30.09 18.19
C ASP A 77 4.45 -31.13 17.16
N SER A 78 3.45 -30.85 16.32
CA SER A 78 3.00 -31.86 15.36
C SER A 78 3.88 -31.93 14.12
N GLY A 79 4.66 -30.89 13.86
CA GLY A 79 5.43 -30.80 12.64
C GLY A 79 4.68 -30.21 11.46
N GLN A 80 3.42 -29.83 11.63
CA GLN A 80 2.64 -29.17 10.60
C GLN A 80 2.46 -27.70 10.95
N PRO A 81 2.52 -26.79 9.97
CA PRO A 81 2.26 -25.38 10.27
C PRO A 81 0.83 -25.18 10.74
N ILE A 82 0.64 -24.19 11.58
CA ILE A 82 -0.69 -23.71 11.93
C ILE A 82 -0.86 -22.38 11.23
N ALA A 83 -1.68 -22.36 10.19
CA ALA A 83 -1.84 -21.20 9.32
C ALA A 83 -3.22 -20.59 9.54
N ILE A 84 -3.24 -19.26 9.68
CA ILE A 84 -4.48 -18.49 9.77
C ILE A 84 -4.67 -17.88 8.39
N ARG A 85 -5.77 -18.23 7.71
CA ARG A 85 -5.89 -17.96 6.29
C ARG A 85 -6.96 -16.89 6.06
N GLY A 86 -6.51 -15.73 5.59
CA GLY A 86 -7.45 -14.69 5.21
C GLY A 86 -7.38 -13.52 6.17
N ARG A 87 -7.47 -12.32 5.62
N ARG A 87 -7.50 -12.31 5.63
CA ARG A 87 -7.41 -11.12 6.44
CA ARG A 87 -7.38 -11.13 6.48
C ARG A 87 -8.43 -11.17 7.56
C ARG A 87 -8.44 -11.13 7.57
N GLU A 88 -9.67 -11.56 7.24
CA GLU A 88 -10.73 -11.55 8.23
C GLU A 88 -10.42 -12.51 9.38
N LYS A 89 -9.98 -13.73 9.07
CA LYS A 89 -9.64 -14.69 10.11
C LYS A 89 -8.42 -14.22 10.91
N LEU A 90 -7.48 -13.55 10.26
CA LEU A 90 -6.37 -12.98 11.01
C LEU A 90 -6.86 -11.92 11.99
N GLY A 91 -7.81 -11.07 11.57
CA GLY A 91 -8.33 -10.07 12.49
C GLY A 91 -9.07 -10.69 13.66
N GLU A 92 -9.84 -11.75 13.40
CA GLU A 92 -10.52 -12.47 14.48
C GLU A 92 -9.52 -13.10 15.44
N HIS A 93 -8.43 -13.64 14.90
CA HIS A 93 -7.47 -14.34 15.75
C HIS A 93 -6.70 -13.39 16.66
N ALA A 94 -6.52 -12.14 16.24
CA ALA A 94 -5.84 -11.16 17.07
C ALA A 94 -6.60 -10.93 18.38
N VAL A 95 -7.92 -11.01 18.33
CA VAL A 95 -8.68 -10.91 19.57
C VAL A 95 -8.27 -12.02 20.52
N TRP A 96 -8.09 -13.23 20.00
CA TRP A 96 -7.65 -14.33 20.85
C TRP A 96 -6.24 -14.07 21.37
N SER A 97 -5.35 -13.65 20.47
CA SER A 97 -3.96 -13.42 20.83
C SER A 97 -3.82 -12.38 21.93
N LEU A 98 -4.69 -11.39 21.92
CA LEU A 98 -4.64 -10.34 22.93
C LEU A 98 -4.98 -10.89 24.33
N GLN A 99 -5.77 -11.96 24.40
CA GLN A 99 -6.08 -12.56 25.70
C GLN A 99 -5.00 -13.54 26.14
N CYS A 100 -4.43 -14.32 25.22
N CYS A 100 -4.50 -14.35 25.20
CA CYS A 100 -3.53 -15.39 25.61
CA CYS A 100 -3.53 -15.39 25.52
C CYS A 100 -2.06 -14.99 25.54
C CYS A 100 -2.14 -14.82 25.74
N PHE A 101 -1.75 -13.86 24.91
CA PHE A 101 -0.43 -13.24 24.95
C PHE A 101 -0.65 -11.75 25.19
N PRO A 102 -1.15 -11.39 26.38
CA PRO A 102 -1.69 -10.03 26.55
C PRO A 102 -0.65 -8.92 26.51
N ASP A 103 0.64 -9.19 26.78
CA ASP A 103 1.62 -8.11 26.85
C ASP A 103 2.80 -8.36 25.91
N TRP A 104 2.60 -9.16 24.87
CA TRP A 104 3.69 -9.63 24.04
C TRP A 104 4.45 -8.50 23.38
N VAL A 105 5.78 -8.63 23.34
CA VAL A 105 6.63 -7.72 22.58
C VAL A 105 7.67 -8.53 21.82
N TRP A 106 8.00 -8.04 20.63
CA TRP A 106 9.16 -8.50 19.89
C TRP A 106 10.33 -7.57 20.23
N THR A 107 11.51 -8.16 20.39
CA THR A 107 12.70 -7.41 20.78
C THR A 107 13.85 -7.82 19.90
N ASP A 108 14.95 -7.06 19.99
CA ASP A 108 16.17 -7.39 19.26
C ASP A 108 15.88 -7.59 17.77
N ILE A 109 15.08 -6.70 17.21
CA ILE A 109 14.55 -6.88 15.86
C ILE A 109 15.62 -6.56 14.84
N GLN A 110 15.87 -7.50 13.94
CA GLN A 110 16.82 -7.29 12.84
C GLN A 110 16.09 -7.65 11.56
N ILE A 111 15.92 -6.66 10.67
CA ILE A 111 15.16 -6.87 9.45
C ILE A 111 16.15 -7.05 8.30
N PHE A 112 15.96 -8.11 7.52
CA PHE A 112 16.80 -8.40 6.37
C PHE A 112 15.99 -8.25 5.10
N GLU A 113 16.38 -7.28 4.26
CA GLU A 113 15.90 -7.24 2.90
C GLU A 113 16.58 -8.37 2.15
N THR A 114 16.02 -8.75 1.00
CA THR A 114 16.67 -9.77 0.17
C THR A 114 16.72 -9.30 -1.28
N GLN A 115 17.25 -10.17 -2.15
CA GLN A 115 17.25 -9.83 -3.56
C GLN A 115 15.85 -9.78 -4.15
N ASP A 116 14.89 -10.38 -3.46
CA ASP A 116 13.49 -10.28 -3.85
C ASP A 116 12.90 -9.09 -3.11
N PRO A 117 12.48 -8.03 -3.80
CA PRO A 117 11.95 -6.86 -3.08
C PRO A 117 10.69 -7.17 -2.29
N ASN A 118 10.07 -8.32 -2.55
CA ASN A 118 8.84 -8.71 -1.87
C ASN A 118 9.09 -9.83 -0.85
N TRP A 119 10.34 -10.05 -0.45
CA TRP A 119 10.62 -11.08 0.54
C TRP A 119 11.61 -10.55 1.55
N PHE A 120 11.22 -10.62 2.82
CA PHE A 120 12.05 -10.17 3.93
C PHE A 120 12.12 -11.27 4.97
N TRP A 121 13.25 -11.30 5.70
CA TRP A 121 13.40 -12.14 6.87
C TRP A 121 13.67 -11.27 8.08
N VAL A 122 13.21 -11.71 9.24
CA VAL A 122 13.41 -10.95 10.47
C VAL A 122 13.93 -11.92 11.53
N GLU A 123 15.06 -11.60 12.15
CA GLU A 123 15.56 -12.30 13.32
C GLU A 123 15.21 -11.45 14.54
N CYS A 124 14.64 -12.08 15.57
CA CYS A 124 14.29 -11.32 16.76
C CYS A 124 14.13 -12.27 17.95
N ARG A 125 13.87 -11.70 19.12
CA ARG A 125 13.34 -12.43 20.26
C ARG A 125 11.94 -11.93 20.54
N GLY A 126 11.23 -12.66 21.37
CA GLY A 126 9.90 -12.25 21.78
C GLY A 126 9.68 -12.70 23.20
N GLU A 127 8.84 -11.96 23.93
CA GLU A 127 8.59 -12.32 25.31
C GLU A 127 7.27 -11.76 25.79
N GLY A 128 6.71 -12.43 26.78
CA GLY A 128 5.49 -11.97 27.42
C GLY A 128 4.85 -13.09 28.21
N ALA A 129 3.79 -12.72 28.92
CA ALA A 129 3.00 -13.70 29.64
C ALA A 129 2.35 -14.64 28.64
N ILE A 130 2.18 -15.90 29.04
CA ILE A 130 1.43 -16.85 28.22
C ILE A 130 0.28 -17.37 29.06
N VAL A 131 -0.93 -17.22 28.54
CA VAL A 131 -2.17 -17.57 29.21
C VAL A 131 -2.93 -18.50 28.28
N PHE A 132 -2.44 -19.65 28.15
CA PHE A 132 -2.86 -20.62 27.14
C PHE A 132 -3.99 -21.46 27.70
N PRO A 133 -5.08 -21.65 26.94
CA PRO A 133 -6.21 -22.41 27.47
C PRO A 133 -5.80 -23.77 28.05
N GLY A 134 -6.08 -23.98 29.32
CA GLY A 134 -5.86 -25.28 29.93
C GLY A 134 -4.52 -25.47 30.60
N TYR A 135 -3.69 -24.45 30.66
CA TYR A 135 -2.35 -24.53 31.21
C TYR A 135 -2.20 -23.46 32.27
N PRO A 136 -1.28 -23.64 33.22
CA PRO A 136 -1.02 -22.58 34.19
C PRO A 136 -0.45 -21.34 33.50
N ARG A 137 -0.88 -20.17 33.98
N ARG A 137 -0.86 -20.17 33.99
CA ARG A 137 -0.29 -18.92 33.51
CA ARG A 137 -0.29 -18.92 33.50
C ARG A 137 1.23 -18.96 33.68
C ARG A 137 1.23 -18.93 33.69
N GLY A 138 1.94 -18.51 32.64
CA GLY A 138 3.38 -18.54 32.68
C GLY A 138 4.01 -17.38 31.94
N GLN A 139 5.32 -17.45 31.79
CA GLN A 139 6.11 -16.44 31.09
C GLN A 139 6.86 -17.17 29.98
N TYR A 140 6.77 -16.63 28.77
CA TYR A 140 7.31 -17.28 27.58
C TYR A 140 8.31 -16.33 26.93
N ARG A 141 9.51 -16.85 26.67
CA ARG A 141 10.55 -16.08 26.00
C ARG A 141 11.15 -17.01 24.94
N ASN A 142 11.40 -16.49 23.75
CA ASN A 142 11.99 -17.38 22.74
C ASN A 142 12.67 -16.54 21.67
N HIS A 143 13.48 -17.23 20.87
CA HIS A 143 14.10 -16.69 19.67
C HIS A 143 13.22 -17.02 18.47
N PHE A 144 13.11 -16.08 17.53
CA PHE A 144 12.24 -16.25 16.40
C PHE A 144 12.89 -15.81 15.09
N LEU A 145 12.49 -16.48 14.02
CA LEU A 145 12.71 -16.01 12.67
C LEU A 145 11.35 -15.82 12.01
N HIS A 146 11.15 -14.71 11.33
CA HIS A 146 9.93 -14.49 10.58
C HIS A 146 10.25 -14.33 9.10
N SER A 147 9.41 -14.91 8.27
CA SER A 147 9.44 -14.70 6.82
C SER A 147 8.22 -13.85 6.44
N PHE A 148 8.45 -12.81 5.65
CA PHE A 148 7.38 -11.94 5.14
C PHE A 148 7.48 -11.88 3.62
N ARG A 149 6.44 -12.37 2.94
CA ARG A 149 6.32 -12.23 1.50
C ARG A 149 5.17 -11.28 1.19
N PHE A 150 5.40 -10.39 0.24
CA PHE A 150 4.49 -9.31 -0.11
C PHE A 150 3.86 -9.49 -1.48
N GLU A 151 2.66 -8.93 -1.61
CA GLU A 151 2.00 -8.81 -2.91
C GLU A 151 1.30 -7.47 -2.94
N ASN A 152 1.64 -6.64 -3.93
CA ASN A 152 0.96 -5.37 -4.14
C ASN A 152 0.88 -4.55 -2.86
N GLY A 153 2.02 -4.48 -2.17
CA GLY A 153 2.18 -3.53 -1.10
C GLY A 153 1.77 -4.03 0.27
N LEU A 154 1.24 -5.24 0.37
CA LEU A 154 0.80 -5.79 1.66
C LEU A 154 1.34 -7.20 1.84
N ILE A 155 1.23 -7.69 3.07
CA ILE A 155 1.77 -9.00 3.40
C ILE A 155 0.83 -10.07 2.84
N LYS A 156 1.37 -10.94 1.98
CA LYS A 156 0.68 -12.09 1.47
C LYS A 156 0.90 -13.32 2.32
N GLU A 157 2.08 -13.44 2.92
CA GLU A 157 2.39 -14.61 3.74
C GLU A 157 3.38 -14.23 4.83
N GLN A 158 2.99 -14.44 6.07
CA GLN A 158 3.89 -14.29 7.21
C GLN A 158 4.03 -15.67 7.84
N ARG A 159 5.28 -16.07 8.09
CA ARG A 159 5.55 -17.34 8.75
C ARG A 159 6.54 -17.11 9.89
N GLU A 160 6.25 -17.68 11.05
CA GLU A 160 7.16 -17.62 12.17
C GLU A 160 7.72 -18.99 12.53
N PHE A 161 9.01 -18.99 12.87
CA PHE A 161 9.77 -20.19 13.18
C PHE A 161 10.47 -20.01 14.52
N MET A 162 10.33 -21.01 15.38
CA MET A 162 10.95 -20.96 16.69
C MET A 162 11.21 -22.39 17.12
N ASN A 163 11.87 -22.52 18.26
CA ASN A 163 12.07 -23.80 18.91
C ASN A 163 10.92 -24.09 19.86
N PRO A 164 10.02 -25.01 19.53
CA PRO A 164 8.85 -25.26 20.41
C PRO A 164 9.24 -25.74 21.79
N CYS A 165 10.45 -26.28 21.98
CA CYS A 165 10.83 -26.72 23.32
C CYS A 165 10.71 -25.58 24.33
N GLU A 166 10.99 -24.33 23.90
CA GLU A 166 10.91 -23.23 24.86
C GLU A 166 9.45 -22.90 25.19
N GLN A 167 8.54 -23.12 24.25
CA GLN A 167 7.13 -22.90 24.56
C GLN A 167 6.61 -24.02 25.45
N PHE A 168 7.07 -25.25 25.23
CA PHE A 168 6.76 -26.34 26.17
C PHE A 168 7.15 -25.95 27.59
N ARG A 169 8.39 -25.47 27.77
CA ARG A 169 8.83 -25.08 29.11
C ARG A 169 7.92 -24.02 29.71
N SER A 170 7.47 -23.07 28.90
CA SER A 170 6.68 -21.97 29.40
C SER A 170 5.31 -22.45 29.87
N LEU A 171 4.84 -23.56 29.31
CA LEU A 171 3.55 -24.14 29.66
C LEU A 171 3.68 -25.24 30.73
N GLY A 172 4.88 -25.48 31.23
CA GLY A 172 5.10 -26.54 32.20
C GLY A 172 5.14 -27.93 31.63
N ILE A 173 5.30 -28.08 30.32
CA ILE A 173 5.34 -29.37 29.66
C ILE A 173 6.79 -29.87 29.67
N GLU A 174 6.96 -31.15 30.03
CA GLU A 174 8.29 -31.73 30.10
C GLU A 174 8.88 -31.82 28.71
N VAL A 175 10.12 -31.38 28.55
CA VAL A 175 10.83 -31.44 27.28
C VAL A 175 11.69 -32.70 27.29
N PRO A 176 11.61 -33.53 26.27
CA PRO A 176 12.49 -34.71 26.27
C PRO A 176 13.93 -34.28 26.03
N GLU A 177 14.84 -35.09 26.55
CA GLU A 177 16.27 -34.82 26.48
C GLU A 177 16.90 -35.90 25.63
N VAL A 178 17.58 -35.48 24.57
CA VAL A 178 18.42 -36.37 23.77
C VAL A 178 19.62 -36.77 24.61
N ARG A 179 19.84 -38.06 24.74
CA ARG A 179 20.99 -38.53 25.50
C ARG A 179 22.27 -38.17 24.76
N ARG A 180 23.18 -37.48 25.44
CA ARG A 180 24.40 -37.02 24.82
C ARG A 180 25.63 -37.81 25.24
N ASP A 181 25.45 -38.89 26.01
CA ASP A 181 26.60 -39.59 26.57
C ASP A 181 27.56 -40.07 25.48
N GLY A 182 27.01 -40.57 24.38
CA GLY A 182 27.83 -41.09 23.33
C GLY A 182 28.34 -40.07 22.35
N LEU A 183 28.04 -38.79 22.60
CA LEU A 183 28.40 -37.74 21.66
C LEU A 183 29.72 -37.09 22.07
N PRO A 184 30.50 -36.60 21.10
CA PRO A 184 31.79 -35.97 21.44
C PRO A 184 31.63 -34.67 22.20
N SER A 185 30.87 -33.73 21.63
CA SER A 185 30.64 -32.41 22.20
C SER A 185 30.43 -31.35 21.12
N THR B 30 29.88 3.88 -7.24
CA THR B 30 30.98 4.27 -6.38
C THR B 30 31.95 3.10 -6.17
N SER B 31 33.14 3.40 -5.64
CA SER B 31 34.12 2.34 -5.38
C SER B 31 33.70 1.48 -4.18
N GLU B 32 33.08 2.10 -3.18
CA GLU B 32 32.59 1.34 -2.03
C GLU B 32 31.42 0.44 -2.43
N ASN B 33 30.53 0.93 -3.29
CA ASN B 33 29.44 0.08 -3.76
C ASN B 33 29.97 -1.11 -4.57
N ARG B 34 30.99 -0.88 -5.40
CA ARG B 34 31.56 -1.98 -6.19
C ARG B 34 32.15 -3.04 -5.29
N ALA B 35 32.83 -2.63 -4.21
CA ALA B 35 33.42 -3.60 -3.29
C ALA B 35 32.35 -4.40 -2.56
N GLN B 36 31.22 -3.77 -2.25
CA GLN B 36 30.15 -4.52 -1.60
C GLN B 36 29.51 -5.51 -2.56
N VAL B 37 29.27 -5.10 -3.79
CA VAL B 37 28.75 -6.04 -4.79
C VAL B 37 29.67 -7.23 -4.92
N ALA B 38 30.98 -6.96 -5.01
CA ALA B 38 31.94 -8.04 -5.21
C ALA B 38 31.96 -8.98 -4.02
N ALA B 39 31.92 -8.43 -2.80
CA ALA B 39 31.88 -9.28 -1.62
C ALA B 39 30.64 -10.14 -1.59
N ARG B 40 29.49 -9.56 -1.91
CA ARG B 40 28.25 -10.34 -1.87
C ARG B 40 28.27 -11.45 -2.93
N GLN B 41 28.77 -11.16 -4.13
CA GLN B 41 28.84 -12.20 -5.16
C GLN B 41 29.76 -13.34 -4.74
N HIS B 42 30.92 -13.01 -4.19
CA HIS B 42 31.81 -14.08 -3.77
C HIS B 42 31.21 -14.89 -2.62
N ASN B 43 30.64 -14.20 -1.62
CA ASN B 43 30.07 -14.88 -0.47
C ASN B 43 28.92 -15.78 -0.88
N ARG B 44 28.11 -15.32 -1.84
CA ARG B 44 27.03 -16.18 -2.32
C ARG B 44 27.57 -17.50 -2.85
N LYS B 45 28.72 -17.46 -3.58
CA LYS B 45 29.31 -18.70 -4.09
C LYS B 45 29.74 -19.62 -2.95
N ILE B 46 30.26 -19.05 -1.86
CA ILE B 46 30.63 -19.87 -0.72
C ILE B 46 29.39 -20.49 -0.09
N VAL B 47 28.31 -19.72 0.01
CA VAL B 47 27.08 -20.29 0.61
C VAL B 47 26.60 -21.44 -0.24
N GLU B 48 26.59 -21.25 -1.57
CA GLU B 48 26.20 -22.31 -2.48
C GLU B 48 27.08 -23.54 -2.29
N GLN B 49 28.39 -23.33 -2.21
N GLN B 49 28.40 -23.33 -2.20
CA GLN B 49 29.31 -24.45 -2.06
CA GLN B 49 29.29 -24.46 -2.07
C GLN B 49 29.01 -25.21 -0.76
C GLN B 49 29.01 -25.21 -0.76
N TYR B 50 28.84 -24.47 0.33
CA TYR B 50 28.52 -25.10 1.61
C TYR B 50 27.27 -25.96 1.51
N MET B 51 26.20 -25.38 0.99
CA MET B 51 24.92 -26.07 0.95
C MET B 51 24.94 -27.30 0.05
N HIS B 52 25.79 -27.32 -0.97
CA HIS B 52 25.87 -28.50 -1.83
C HIS B 52 26.96 -29.48 -1.44
N THR B 53 27.72 -29.18 -0.38
CA THR B 53 28.76 -30.11 0.09
C THR B 53 28.13 -31.35 0.70
N ARG B 54 28.45 -32.52 0.16
CA ARG B 54 27.91 -33.75 0.70
C ARG B 54 28.94 -34.86 0.54
N GLY B 55 28.65 -36.00 1.13
CA GLY B 55 29.57 -37.13 1.02
C GLY B 55 30.91 -36.83 1.65
N GLU B 56 31.97 -37.40 1.07
CA GLU B 56 33.31 -37.24 1.63
C GLU B 56 33.79 -35.80 1.62
N ALA B 57 33.27 -34.97 0.72
CA ALA B 57 33.66 -33.56 0.68
C ALA B 57 33.34 -32.85 1.98
N ARG B 58 32.43 -33.39 2.78
CA ARG B 58 32.13 -32.76 4.05
C ARG B 58 33.36 -32.71 4.95
N LEU B 59 34.33 -33.59 4.72
CA LEU B 59 35.54 -33.55 5.52
C LEU B 59 36.37 -32.29 5.29
N LYS B 60 36.13 -31.57 4.20
CA LYS B 60 36.87 -30.34 3.92
C LYS B 60 35.98 -29.10 3.97
N ARG B 61 34.73 -29.24 4.40
CA ARG B 61 33.83 -28.09 4.44
C ARG B 61 34.33 -27.02 5.40
N HIS B 62 35.12 -27.40 6.39
CA HIS B 62 35.61 -26.43 7.35
C HIS B 62 36.56 -25.42 6.71
N LEU B 63 37.15 -25.75 5.58
CA LEU B 63 38.02 -24.79 4.91
C LEU B 63 37.26 -23.59 4.36
N LEU B 64 35.93 -23.61 4.38
CA LEU B 64 35.13 -22.47 3.98
C LEU B 64 34.99 -21.46 5.10
N PHE B 65 35.55 -21.73 6.27
CA PHE B 65 35.46 -20.86 7.42
C PHE B 65 36.76 -20.11 7.66
N THR B 66 36.64 -18.98 8.36
CA THR B 66 37.83 -18.33 8.91
C THR B 66 38.44 -19.20 10.00
N GLU B 67 39.71 -18.91 10.33
CA GLU B 67 40.40 -19.69 11.34
C GLU B 67 39.61 -19.74 12.64
N ASP B 68 38.96 -18.62 13.00
CA ASP B 68 38.16 -18.55 14.22
C ASP B 68 36.67 -18.73 13.97
N GLY B 69 36.30 -19.29 12.83
CA GLY B 69 34.90 -19.39 12.49
C GLY B 69 34.15 -20.33 13.41
N VAL B 70 32.83 -20.09 13.52
CA VAL B 70 31.95 -20.87 14.39
C VAL B 70 30.81 -21.43 13.55
N GLY B 71 30.43 -22.68 13.81
CA GLY B 71 29.27 -23.27 13.20
C GLY B 71 28.52 -24.07 14.24
N GLY B 72 27.27 -24.40 13.93
CA GLY B 72 26.58 -25.36 14.76
C GLY B 72 25.08 -25.19 14.75
N LEU B 73 24.46 -25.78 15.74
CA LEU B 73 23.03 -25.99 15.82
C LEU B 73 22.47 -25.10 16.92
N TRP B 74 21.60 -24.18 16.53
CA TRP B 74 21.11 -23.17 17.46
C TRP B 74 19.82 -23.58 18.15
N THR B 75 19.16 -24.63 17.68
CA THR B 75 17.86 -25.05 18.21
C THR B 75 17.96 -26.49 18.71
N THR B 76 17.95 -26.66 20.02
CA THR B 76 18.07 -27.98 20.63
C THR B 76 17.08 -28.14 21.76
N ASP B 77 17.00 -29.36 22.30
CA ASP B 77 16.09 -29.62 23.40
C ASP B 77 16.39 -28.77 24.61
N SER B 78 17.66 -28.42 24.84
CA SER B 78 18.02 -27.72 26.06
C SER B 78 17.77 -26.23 25.98
N GLY B 79 17.59 -25.70 24.77
CA GLY B 79 17.47 -24.28 24.58
C GLY B 79 18.79 -23.57 24.39
N GLN B 80 19.91 -24.26 24.55
CA GLN B 80 21.20 -23.63 24.32
C GLN B 80 21.79 -24.11 23.00
N PRO B 81 22.38 -23.21 22.21
CA PRO B 81 23.05 -23.66 20.99
C PRO B 81 24.20 -24.61 21.28
N ILE B 82 24.48 -25.44 20.29
CA ILE B 82 25.67 -26.28 20.28
C ILE B 82 26.59 -25.69 19.22
N ALA B 83 27.60 -24.96 19.66
CA ALA B 83 28.48 -24.21 18.78
C ALA B 83 29.84 -24.90 18.74
N ILE B 84 30.34 -25.12 17.53
N ILE B 84 30.34 -25.14 17.52
CA ILE B 84 31.66 -25.69 17.30
CA ILE B 84 31.67 -25.68 17.31
C ILE B 84 32.56 -24.51 16.92
C ILE B 84 32.56 -24.51 16.92
N ARG B 85 33.59 -24.25 17.72
CA ARG B 85 34.34 -23.00 17.64
C ARG B 85 35.74 -23.20 17.07
N GLY B 86 35.98 -22.65 15.89
CA GLY B 86 37.31 -22.69 15.31
C GLY B 86 37.36 -23.63 14.12
N ARG B 87 38.08 -23.23 13.08
CA ARG B 87 38.14 -24.04 11.86
C ARG B 87 38.67 -25.43 12.16
N GLU B 88 39.67 -25.53 13.04
CA GLU B 88 40.23 -26.84 13.37
C GLU B 88 39.19 -27.75 14.02
N LYS B 89 38.44 -27.22 15.01
CA LYS B 89 37.40 -28.00 15.65
C LYS B 89 36.26 -28.35 14.70
N LEU B 90 35.93 -27.45 13.77
CA LEU B 90 34.93 -27.78 12.76
C LEU B 90 35.37 -28.95 11.90
N GLY B 91 36.65 -28.99 11.50
CA GLY B 91 37.11 -30.11 10.72
C GLY B 91 37.09 -31.41 11.51
N GLU B 92 37.46 -31.34 12.79
CA GLU B 92 37.40 -32.54 13.62
C GLU B 92 35.95 -33.01 13.78
N HIS B 93 35.02 -32.08 13.92
CA HIS B 93 33.63 -32.47 14.13
C HIS B 93 33.03 -33.11 12.90
N ALA B 94 33.55 -32.77 11.72
CA ALA B 94 33.05 -33.36 10.48
C ALA B 94 33.22 -34.87 10.49
N VAL B 95 34.27 -35.36 11.16
CA VAL B 95 34.48 -36.80 11.26
C VAL B 95 33.31 -37.45 11.98
N TRP B 96 32.85 -36.84 13.07
CA TRP B 96 31.68 -37.37 13.75
C TRP B 96 30.45 -37.23 12.89
N SER B 97 30.30 -36.10 12.19
CA SER B 97 29.10 -35.87 11.40
C SER B 97 28.96 -36.91 10.29
N LEU B 98 30.07 -37.32 9.68
CA LEU B 98 30.01 -38.34 8.64
C LEU B 98 29.63 -39.70 9.21
N GLN B 99 29.86 -39.92 10.50
CA GLN B 99 29.46 -41.19 11.08
C GLN B 99 27.98 -41.17 11.44
N CYS B 100 27.50 -40.06 11.99
CA CYS B 100 26.17 -40.06 12.56
C CYS B 100 25.12 -39.51 11.60
N PHE B 101 25.53 -38.81 10.56
CA PHE B 101 24.65 -38.42 9.46
C PHE B 101 25.34 -38.81 8.16
N PRO B 102 25.40 -40.11 7.88
CA PRO B 102 26.34 -40.60 6.85
C PRO B 102 26.02 -40.16 5.45
N ASP B 103 24.77 -39.85 5.15
CA ASP B 103 24.33 -39.57 3.78
C ASP B 103 23.50 -38.30 3.71
N TRP B 104 23.77 -37.33 4.59
CA TRP B 104 22.97 -36.11 4.66
C TRP B 104 22.98 -35.32 3.36
N VAL B 105 21.82 -34.81 2.97
CA VAL B 105 21.65 -33.95 1.80
C VAL B 105 20.81 -32.77 2.23
N TRP B 106 21.22 -31.55 1.80
CA TRP B 106 20.35 -30.40 1.84
C TRP B 106 19.60 -30.28 0.52
N THR B 107 18.28 -30.14 0.59
CA THR B 107 17.42 -30.04 -0.59
C THR B 107 16.64 -28.73 -0.57
N ASP B 108 16.03 -28.41 -1.71
CA ASP B 108 15.11 -27.26 -1.79
C ASP B 108 15.79 -25.99 -1.30
N ILE B 109 17.02 -25.78 -1.74
CA ILE B 109 17.84 -24.70 -1.21
C ILE B 109 17.42 -23.37 -1.82
N GLN B 110 17.06 -22.41 -0.96
CA GLN B 110 16.82 -21.03 -1.37
C GLN B 110 17.78 -20.11 -0.62
N ILE B 111 18.62 -19.40 -1.36
CA ILE B 111 19.64 -18.53 -0.77
C ILE B 111 19.15 -17.10 -0.84
N PHE B 112 19.19 -16.40 0.29
CA PHE B 112 18.81 -15.01 0.39
C PHE B 112 20.02 -14.14 0.68
N GLU B 113 20.38 -13.29 -0.29
CA GLU B 113 21.25 -12.18 -0.02
C GLU B 113 20.52 -11.17 0.86
N THR B 114 21.27 -10.31 1.52
CA THR B 114 20.65 -9.26 2.31
C THR B 114 21.35 -7.93 2.00
N GLN B 115 20.88 -6.85 2.66
CA GLN B 115 21.52 -5.56 2.53
C GLN B 115 22.95 -5.56 3.06
N ASP B 116 23.28 -6.54 3.91
CA ASP B 116 24.65 -6.74 4.39
C ASP B 116 25.32 -7.72 3.44
N PRO B 117 26.33 -7.29 2.66
CA PRO B 117 26.96 -8.23 1.71
C PRO B 117 27.62 -9.40 2.42
N ASN B 118 27.80 -9.30 3.72
CA ASN B 118 28.43 -10.35 4.51
C ASN B 118 27.42 -11.15 5.34
N TRP B 119 26.13 -11.06 5.04
CA TRP B 119 25.11 -11.81 5.80
C TRP B 119 24.12 -12.41 4.83
N PHE B 120 23.97 -13.74 4.89
CA PHE B 120 23.05 -14.48 4.05
C PHE B 120 22.16 -15.33 4.93
N TRP B 121 20.95 -15.59 4.44
CA TRP B 121 20.08 -16.59 5.03
C TRP B 121 19.73 -17.64 3.98
N VAL B 122 19.49 -18.86 4.45
CA VAL B 122 19.14 -19.95 3.57
C VAL B 122 17.92 -20.64 4.16
N GLU B 123 16.90 -20.86 3.34
CA GLU B 123 15.79 -21.72 3.68
C GLU B 123 15.95 -23.00 2.88
N CYS B 124 15.82 -24.14 3.53
CA CYS B 124 16.01 -25.40 2.84
C CYS B 124 15.39 -26.53 3.65
N ARG B 125 15.46 -27.72 3.07
CA ARG B 125 15.17 -28.96 3.79
C ARG B 125 16.42 -29.79 3.84
N GLY B 126 16.40 -30.79 4.71
CA GLY B 126 17.50 -31.71 4.83
C GLY B 126 16.98 -33.10 5.10
N GLU B 127 17.77 -34.10 4.68
CA GLU B 127 17.37 -35.47 4.91
C GLU B 127 18.57 -36.40 4.95
N GLY B 128 18.40 -37.47 5.71
CA GLY B 128 19.41 -38.52 5.74
C GLY B 128 19.16 -39.45 6.89
N ALA B 129 19.90 -40.56 6.87
CA ALA B 129 19.91 -41.43 8.02
C ALA B 129 20.44 -40.68 9.24
N ILE B 130 19.92 -41.03 10.41
CA ILE B 130 20.43 -40.51 11.66
C ILE B 130 20.88 -41.73 12.46
N VAL B 131 22.16 -41.74 12.85
CA VAL B 131 22.79 -42.87 13.53
C VAL B 131 23.42 -42.33 14.81
N PHE B 132 22.61 -42.02 15.78
CA PHE B 132 23.00 -41.41 17.04
C PHE B 132 23.35 -42.47 18.06
N PRO B 133 24.46 -42.33 18.77
CA PRO B 133 24.85 -43.33 19.76
C PRO B 133 23.71 -43.64 20.74
N GLY B 134 23.38 -44.91 20.86
CA GLY B 134 22.41 -45.35 21.84
C GLY B 134 20.97 -45.24 21.39
N TYR B 135 20.73 -44.81 20.16
CA TYR B 135 19.39 -44.79 19.60
C TYR B 135 19.30 -45.73 18.43
N PRO B 136 18.10 -46.21 18.10
CA PRO B 136 17.94 -46.98 16.87
C PRO B 136 18.30 -46.13 15.66
N ARG B 137 18.93 -46.75 14.68
CA ARG B 137 19.13 -46.08 13.40
C ARG B 137 17.78 -45.63 12.85
N GLY B 138 17.73 -44.40 12.33
CA GLY B 138 16.50 -43.82 11.86
C GLY B 138 16.70 -43.06 10.57
N GLN B 139 15.60 -42.49 10.09
N GLN B 139 15.60 -42.49 10.09
CA GLN B 139 15.59 -41.58 8.95
CA GLN B 139 15.59 -41.58 8.94
C GLN B 139 15.08 -40.24 9.44
C GLN B 139 15.07 -40.23 9.42
N TYR B 140 15.84 -39.17 9.16
CA TYR B 140 15.54 -37.83 9.66
C TYR B 140 15.28 -36.90 8.49
N ARG B 141 14.14 -36.20 8.53
CA ARG B 141 13.78 -35.19 7.56
C ARG B 141 13.38 -33.94 8.34
N ASN B 142 13.83 -32.78 7.89
CA ASN B 142 13.38 -31.55 8.57
C ASN B 142 13.52 -30.35 7.65
N HIS B 143 12.86 -29.27 8.07
CA HIS B 143 12.99 -27.96 7.47
C HIS B 143 14.06 -27.19 8.26
N PHE B 144 14.88 -26.40 7.56
CA PHE B 144 15.96 -25.67 8.20
C PHE B 144 16.05 -24.23 7.69
N LEU B 145 16.49 -23.35 8.59
CA LEU B 145 16.97 -22.03 8.24
C LEU B 145 18.44 -21.97 8.65
N HIS B 146 19.28 -21.45 7.76
CA HIS B 146 20.68 -21.23 8.07
C HIS B 146 20.99 -19.74 7.98
N SER B 147 21.84 -19.27 8.88
CA SER B 147 22.42 -17.94 8.85
C SER B 147 23.92 -18.07 8.57
N PHE B 148 24.41 -17.29 7.62
CA PHE B 148 25.84 -17.27 7.31
C PHE B 148 26.35 -15.85 7.39
N ARG B 149 27.33 -15.61 8.24
CA ARG B 149 27.98 -14.30 8.32
C ARG B 149 29.43 -14.48 7.91
N PHE B 150 29.93 -13.54 7.11
CA PHE B 150 31.23 -13.65 6.47
C PHE B 150 32.22 -12.61 6.97
N GLU B 151 33.49 -12.99 6.92
CA GLU B 151 34.62 -12.09 7.12
C GLU B 151 35.71 -12.44 6.13
N ASN B 152 36.14 -11.44 5.35
CA ASN B 152 37.21 -11.58 4.35
C ASN B 152 37.02 -12.81 3.47
N GLY B 153 35.79 -12.99 2.97
CA GLY B 153 35.60 -13.98 1.94
C GLY B 153 35.38 -15.39 2.46
N LEU B 154 35.35 -15.57 3.77
CA LEU B 154 35.05 -16.88 4.36
C LEU B 154 34.00 -16.76 5.46
N ILE B 155 33.47 -17.91 5.87
CA ILE B 155 32.39 -17.96 6.87
C ILE B 155 32.96 -17.73 8.27
N LYS B 156 32.46 -16.68 8.92
CA LYS B 156 32.79 -16.39 10.30
C LYS B 156 31.81 -17.05 11.26
N GLU B 157 30.53 -17.11 10.90
CA GLU B 157 29.54 -17.73 11.76
C GLU B 157 28.46 -18.36 10.91
N GLN B 158 28.25 -19.66 11.09
CA GLN B 158 27.15 -20.40 10.51
C GLN B 158 26.25 -20.87 11.64
N ARG B 159 24.94 -20.68 11.49
CA ARG B 159 24.00 -21.12 12.51
C ARG B 159 22.83 -21.79 11.84
N GLU B 160 22.40 -22.93 12.41
CA GLU B 160 21.35 -23.78 11.89
C GLU B 160 20.15 -23.73 12.82
N PHE B 161 18.93 -23.53 12.25
CA PHE B 161 17.69 -23.46 13.02
C PHE B 161 16.68 -24.46 12.47
N MET B 162 16.14 -25.32 13.35
CA MET B 162 15.12 -26.27 12.95
C MET B 162 14.18 -26.49 14.12
N ASN B 163 13.11 -27.26 13.85
CA ASN B 163 12.22 -27.70 14.91
C ASN B 163 12.71 -29.01 15.47
N PRO B 164 13.18 -29.04 16.72
CA PRO B 164 13.73 -30.30 17.26
C PRO B 164 12.74 -31.43 17.37
N CYS B 165 11.44 -31.14 17.36
CA CYS B 165 10.45 -32.20 17.50
C CYS B 165 10.62 -33.23 16.40
N GLU B 166 10.98 -32.76 15.20
CA GLU B 166 11.15 -33.72 14.10
C GLU B 166 12.37 -34.60 14.32
N GLN B 167 13.40 -34.07 14.97
CA GLN B 167 14.55 -34.91 15.27
C GLN B 167 14.22 -35.89 16.39
N PHE B 168 13.43 -35.45 17.37
CA PHE B 168 12.92 -36.40 18.35
C PHE B 168 12.23 -37.58 17.68
N ARG B 169 11.32 -37.29 16.74
CA ARG B 169 10.59 -38.36 16.06
C ARG B 169 11.55 -39.33 15.37
N SER B 170 12.58 -38.79 14.72
CA SER B 170 13.52 -39.64 14.01
C SER B 170 14.30 -40.55 14.94
N LEU B 171 14.43 -40.17 16.20
CA LEU B 171 15.13 -40.96 17.21
C LEU B 171 14.20 -41.84 18.03
N GLY B 172 12.90 -41.84 17.74
CA GLY B 172 11.95 -42.62 18.51
C GLY B 172 11.60 -42.02 19.84
N ILE B 173 11.89 -40.74 20.05
CA ILE B 173 11.62 -40.05 21.29
C ILE B 173 10.21 -39.46 21.22
N GLU B 174 9.42 -39.68 22.26
CA GLU B 174 8.04 -39.20 22.25
C GLU B 174 8.02 -37.68 22.34
N VAL B 175 7.18 -37.07 21.51
CA VAL B 175 7.07 -35.62 21.43
C VAL B 175 5.85 -35.21 22.25
N PRO B 176 5.97 -34.27 23.18
CA PRO B 176 4.79 -33.86 23.93
C PRO B 176 3.83 -33.15 23.00
N GLU B 177 2.56 -33.18 23.39
CA GLU B 177 1.47 -32.62 22.60
C GLU B 177 0.82 -31.49 23.40
N VAL B 178 0.84 -30.29 22.83
CA VAL B 178 0.10 -29.18 23.41
C VAL B 178 -1.39 -29.43 23.18
N ARG B 179 -2.16 -29.48 24.26
CA ARG B 179 -3.59 -29.72 24.13
C ARG B 179 -4.26 -28.54 23.44
N ARG B 180 -5.10 -28.83 22.46
CA ARG B 180 -5.71 -27.80 21.63
C ARG B 180 -7.20 -27.64 21.88
N ASP B 181 -7.75 -28.34 22.87
CA ASP B 181 -9.19 -28.33 23.04
C ASP B 181 -9.71 -26.93 23.28
N GLY B 182 -8.94 -26.12 24.01
CA GLY B 182 -9.37 -24.80 24.38
C GLY B 182 -9.11 -23.73 23.35
N LEU B 183 -8.61 -24.10 22.20
CA LEU B 183 -8.17 -23.10 21.21
C LEU B 183 -9.24 -22.87 20.15
N PRO B 184 -9.24 -21.68 19.54
CA PRO B 184 -10.13 -21.47 18.39
C PRO B 184 -9.83 -22.48 17.29
N SER B 185 -10.89 -23.01 16.70
CA SER B 185 -10.78 -23.96 15.59
C SER B 185 -11.64 -23.49 14.43
N THR C 30 -11.25 40.43 -38.55
CA THR C 30 -12.39 39.92 -39.30
C THR C 30 -13.69 40.09 -38.51
N SER C 31 -14.80 40.23 -39.24
CA SER C 31 -16.09 40.38 -38.59
C SER C 31 -16.45 39.14 -37.78
N GLU C 32 -16.06 37.96 -38.25
CA GLU C 32 -16.30 36.74 -37.47
C GLU C 32 -15.61 36.83 -36.12
N ASN C 33 -14.33 37.20 -36.12
CA ASN C 33 -13.60 37.29 -34.85
C ASN C 33 -14.13 38.42 -33.98
N ARG C 34 -14.52 39.55 -34.59
CA ARG C 34 -15.12 40.64 -33.80
C ARG C 34 -16.36 40.15 -33.07
N ALA C 35 -17.22 39.39 -33.76
CA ALA C 35 -18.41 38.85 -33.11
C ALA C 35 -18.05 37.87 -31.99
N GLN C 36 -17.07 37.01 -32.21
CA GLN C 36 -16.65 36.11 -31.15
C GLN C 36 -16.10 36.87 -29.96
N VAL C 37 -15.30 37.91 -30.22
CA VAL C 37 -14.78 38.70 -29.11
C VAL C 37 -15.93 39.34 -28.34
N ALA C 38 -16.91 39.90 -29.05
CA ALA C 38 -18.01 40.56 -28.39
C ALA C 38 -18.81 39.57 -27.54
N ALA C 39 -19.03 38.38 -28.08
CA ALA C 39 -19.77 37.35 -27.36
C ALA C 39 -19.02 36.93 -26.10
N ARG C 40 -17.71 36.70 -26.21
CA ARG C 40 -16.96 36.28 -25.03
C ARG C 40 -16.98 37.37 -23.95
N GLN C 41 -16.86 38.63 -24.36
CA GLN C 41 -16.85 39.73 -23.40
C GLN C 41 -18.19 39.82 -22.67
N HIS C 42 -19.30 39.69 -23.40
CA HIS C 42 -20.60 39.77 -22.76
C HIS C 42 -20.85 38.56 -21.87
N ASN C 43 -20.54 37.37 -22.38
CA ASN C 43 -20.73 36.16 -21.59
C ASN C 43 -19.92 36.21 -20.32
N ARG C 44 -18.69 36.72 -20.39
CA ARG C 44 -17.90 36.85 -19.18
C ARG C 44 -18.62 37.69 -18.12
N LYS C 45 -19.31 38.76 -18.56
CA LYS C 45 -20.02 39.59 -17.58
C LYS C 45 -21.17 38.81 -16.94
N ILE C 46 -21.84 37.96 -17.71
CA ILE C 46 -22.91 37.15 -17.15
C ILE C 46 -22.35 36.14 -16.13
N VAL C 47 -21.21 35.52 -16.44
CA VAL C 47 -20.60 34.60 -15.48
C VAL C 47 -20.26 35.34 -14.20
N GLU C 48 -19.68 36.53 -14.32
N GLU C 48 -19.66 36.52 -14.33
CA GLU C 48 -19.37 37.34 -13.15
CA GLU C 48 -19.37 37.35 -13.15
C GLU C 48 -20.64 37.64 -12.36
C GLU C 48 -20.65 37.60 -12.36
N GLN C 49 -21.72 38.00 -13.04
CA GLN C 49 -22.95 38.32 -12.35
C GLN C 49 -23.50 37.09 -11.63
N TYR C 50 -23.49 35.95 -12.32
CA TYR C 50 -23.93 34.71 -11.68
C TYR C 50 -23.16 34.46 -10.40
N MET C 51 -21.84 34.48 -10.49
CA MET C 51 -20.99 34.12 -9.37
C MET C 51 -21.13 35.08 -8.19
N HIS C 52 -21.51 36.33 -8.44
CA HIS C 52 -21.70 37.31 -7.38
C HIS C 52 -23.15 37.49 -6.96
N THR C 53 -24.06 36.67 -7.45
CA THR C 53 -25.46 36.76 -7.05
C THR C 53 -25.63 36.13 -5.67
N ARG C 54 -26.08 36.95 -4.72
CA ARG C 54 -26.18 36.54 -3.33
C ARG C 54 -27.49 37.01 -2.75
N GLY C 55 -27.85 36.42 -1.62
CA GLY C 55 -29.03 36.89 -0.91
C GLY C 55 -30.31 36.76 -1.70
N GLU C 56 -31.20 37.74 -1.50
CA GLU C 56 -32.50 37.69 -2.17
C GLU C 56 -32.38 37.74 -3.68
N ALA C 57 -31.28 38.33 -4.19
CA ALA C 57 -31.02 38.37 -5.62
C ALA C 57 -30.97 36.97 -6.26
N ARG C 58 -30.69 35.93 -5.47
CA ARG C 58 -30.72 34.58 -6.02
C ARG C 58 -32.11 34.23 -6.54
N LEU C 59 -33.17 34.86 -6.04
CA LEU C 59 -34.49 34.56 -6.56
C LEU C 59 -34.65 35.00 -8.02
N LYS C 60 -33.75 35.83 -8.54
CA LYS C 60 -33.77 36.29 -9.92
C LYS C 60 -32.61 35.76 -10.77
N ARG C 61 -31.79 34.87 -10.23
CA ARG C 61 -30.62 34.42 -10.96
C ARG C 61 -31.02 33.62 -12.19
N HIS C 62 -32.21 33.01 -12.17
CA HIS C 62 -32.63 32.23 -13.31
C HIS C 62 -32.82 33.09 -14.54
N LEU C 63 -32.96 34.41 -14.36
CA LEU C 63 -33.11 35.30 -15.51
C LEU C 63 -31.81 35.38 -16.32
N LEU C 64 -30.70 34.81 -15.82
CA LEU C 64 -29.46 34.74 -16.57
C LEU C 64 -29.42 33.56 -17.54
N PHE C 65 -30.46 32.73 -17.56
CA PHE C 65 -30.55 31.54 -18.38
C PHE C 65 -31.48 31.74 -19.57
N THR C 66 -31.23 30.96 -20.62
CA THR C 66 -32.21 30.79 -21.68
C THR C 66 -33.48 30.14 -21.13
N GLU C 67 -34.56 30.26 -21.90
CA GLU C 67 -35.84 29.70 -21.46
C GLU C 67 -35.71 28.20 -21.19
N ASP C 68 -34.90 27.51 -21.98
CA ASP C 68 -34.69 26.08 -21.82
C ASP C 68 -33.37 25.76 -21.13
N GLY C 69 -32.81 26.73 -20.41
CA GLY C 69 -31.54 26.53 -19.76
C GLY C 69 -31.61 25.50 -18.65
N VAL C 70 -30.44 24.91 -18.38
CA VAL C 70 -30.32 23.83 -17.41
C VAL C 70 -29.22 24.20 -16.42
N GLY C 71 -29.46 23.92 -15.14
CA GLY C 71 -28.45 24.15 -14.13
C GLY C 71 -28.49 23.02 -13.11
N GLY C 72 -27.42 22.86 -12.36
CA GLY C 72 -27.51 21.94 -11.25
C GLY C 72 -26.17 21.36 -10.87
N LEU C 73 -26.25 20.26 -10.11
CA LEU C 73 -25.12 19.65 -9.44
C LEU C 73 -24.75 18.34 -10.13
N TRP C 74 -23.55 18.27 -10.67
CA TRP C 74 -23.17 17.09 -11.43
C TRP C 74 -22.51 16.01 -10.58
N THR C 75 -22.09 16.31 -9.36
CA THR C 75 -21.37 15.38 -8.50
C THR C 75 -22.16 15.13 -7.22
N THR C 76 -22.74 13.94 -7.09
CA THR C 76 -23.56 13.60 -5.94
C THR C 76 -23.21 12.17 -5.50
N ASP C 77 -23.80 11.77 -4.37
CA ASP C 77 -23.53 10.44 -3.83
C ASP C 77 -23.99 9.34 -4.76
N SER C 78 -25.02 9.60 -5.59
CA SER C 78 -25.52 8.54 -6.44
C SER C 78 -24.74 8.38 -7.73
N GLY C 79 -23.92 9.37 -8.09
CA GLY C 79 -23.22 9.36 -9.36
C GLY C 79 -24.01 9.96 -10.50
N GLN C 80 -25.30 10.25 -10.31
CA GLN C 80 -26.05 10.92 -11.37
C GLN C 80 -26.18 12.40 -11.07
N PRO C 81 -26.16 13.26 -12.10
CA PRO C 81 -26.40 14.68 -11.85
C PRO C 81 -27.81 14.96 -11.39
N ILE C 82 -27.96 16.05 -10.64
CA ILE C 82 -29.27 16.62 -10.31
C ILE C 82 -29.39 17.87 -11.17
N ALA C 83 -30.15 17.74 -12.25
CA ALA C 83 -30.27 18.78 -13.26
C ALA C 83 -31.64 19.43 -13.12
N ILE C 84 -31.66 20.75 -13.02
CA ILE C 84 -32.89 21.55 -12.98
C ILE C 84 -33.11 22.09 -14.38
N ARG C 85 -34.20 21.72 -15.03
CA ARG C 85 -34.37 21.94 -16.46
C ARG C 85 -35.43 22.99 -16.73
N GLY C 86 -35.01 24.12 -17.28
CA GLY C 86 -35.88 25.17 -17.74
C GLY C 86 -35.78 26.37 -16.82
N ARG C 87 -35.86 27.58 -17.40
CA ARG C 87 -35.72 28.79 -16.61
C ARG C 87 -36.77 28.86 -15.50
N GLU C 88 -38.02 28.49 -15.80
N GLU C 88 -38.01 28.48 -15.79
CA GLU C 88 -39.07 28.53 -14.78
CA GLU C 88 -39.05 28.55 -14.77
C GLU C 88 -38.73 27.62 -13.60
C GLU C 88 -38.75 27.62 -13.60
N LYS C 89 -38.34 26.38 -13.89
CA LYS C 89 -38.03 25.47 -12.81
C LYS C 89 -36.78 25.92 -12.04
N LEU C 90 -35.83 26.58 -12.71
CA LEU C 90 -34.70 27.13 -11.98
C LEU C 90 -35.13 28.22 -11.01
N GLY C 91 -36.08 29.08 -11.41
CA GLY C 91 -36.55 30.10 -10.50
C GLY C 91 -37.32 29.50 -9.35
N GLU C 92 -38.09 28.44 -9.61
CA GLU C 92 -38.80 27.77 -8.54
C GLU C 92 -37.83 27.13 -7.55
N HIS C 93 -36.74 26.56 -8.06
CA HIS C 93 -35.80 25.87 -7.18
C HIS C 93 -35.04 26.85 -6.30
N ALA C 94 -34.86 28.09 -6.77
CA ALA C 94 -34.15 29.07 -5.97
C ALA C 94 -34.85 29.33 -4.66
N VAL C 95 -36.17 29.18 -4.63
CA VAL C 95 -36.91 29.30 -3.38
C VAL C 95 -36.36 28.32 -2.37
N TRP C 96 -36.20 27.06 -2.77
N TRP C 96 -36.19 27.06 -2.78
CA TRP C 96 -35.66 26.06 -1.86
CA TRP C 96 -35.66 26.05 -1.88
C TRP C 96 -34.21 26.36 -1.51
C TRP C 96 -34.21 26.35 -1.52
N SER C 97 -33.40 26.71 -2.52
CA SER C 97 -31.99 27.00 -2.29
C SER C 97 -31.82 28.09 -1.24
N LEU C 98 -32.66 29.12 -1.28
N LEU C 98 -32.66 29.13 -1.29
CA LEU C 98 -32.55 30.22 -0.33
CA LEU C 98 -32.53 30.21 -0.33
C LEU C 98 -32.86 29.78 1.09
C LEU C 98 -32.78 29.72 1.09
N GLN C 99 -33.63 28.71 1.27
CA GLN C 99 -33.94 28.26 2.61
C GLN C 99 -32.89 27.28 3.12
N CYS C 100 -32.33 26.45 2.25
N CYS C 100 -32.39 26.42 2.23
CA CYS C 100 -31.40 25.44 2.70
CA CYS C 100 -31.41 25.43 2.62
C CYS C 100 -29.94 25.87 2.62
C CYS C 100 -30.03 26.05 2.80
N PHE C 101 -29.64 26.94 1.89
CA PHE C 101 -28.33 27.57 1.91
C PHE C 101 -28.53 29.08 2.07
N PRO C 102 -28.92 29.51 3.25
CA PRO C 102 -29.48 30.86 3.40
C PRO C 102 -28.48 31.99 3.25
N ASP C 103 -27.19 31.72 3.42
CA ASP C 103 -26.19 32.78 3.36
C ASP C 103 -25.06 32.42 2.42
N TRP C 104 -25.31 31.54 1.46
CA TRP C 104 -24.26 31.04 0.59
C TRP C 104 -23.50 32.11 -0.16
N VAL C 105 -22.17 31.97 -0.19
CA VAL C 105 -21.33 32.84 -1.01
C VAL C 105 -20.30 32.01 -1.76
N TRP C 106 -20.00 32.43 -2.98
CA TRP C 106 -18.85 31.95 -3.70
C TRP C 106 -17.69 32.89 -3.47
N THR C 107 -16.50 32.32 -3.26
CA THR C 107 -15.29 33.06 -2.98
C THR C 107 -14.13 32.55 -3.84
N ASP C 108 -13.02 33.30 -3.81
CA ASP C 108 -11.81 32.91 -4.52
C ASP C 108 -12.13 32.59 -5.99
N ILE C 109 -12.92 33.48 -6.59
CA ILE C 109 -13.52 33.23 -7.89
C ILE C 109 -12.48 33.48 -8.98
N GLN C 110 -12.23 32.46 -9.80
CA GLN C 110 -11.35 32.58 -10.95
C GLN C 110 -12.10 32.16 -12.20
N ILE C 111 -12.29 33.10 -13.13
CA ILE C 111 -13.09 32.85 -14.34
C ILE C 111 -12.14 32.56 -15.50
N PHE C 112 -12.38 31.49 -16.20
CA PHE C 112 -11.57 31.07 -17.34
C PHE C 112 -12.41 31.17 -18.60
N GLU C 113 -12.05 32.10 -19.49
CA GLU C 113 -12.53 32.06 -20.84
C GLU C 113 -11.93 30.87 -21.55
N THR C 114 -12.50 30.48 -22.68
CA THR C 114 -11.88 29.40 -23.46
C THR C 114 -11.86 29.79 -24.94
N GLN C 115 -11.35 28.88 -25.77
CA GLN C 115 -11.36 29.11 -27.21
C GLN C 115 -12.78 29.18 -27.76
N ASP C 116 -13.75 28.62 -27.02
CA ASP C 116 -15.16 28.75 -27.36
C ASP C 116 -15.72 29.96 -26.66
N PRO C 117 -16.15 31.01 -27.39
CA PRO C 117 -16.65 32.24 -26.73
C PRO C 117 -17.87 31.99 -25.89
N ASN C 118 -18.52 30.84 -26.10
CA ASN C 118 -19.73 30.47 -25.39
C ASN C 118 -19.49 29.41 -24.32
N TRP C 119 -18.24 29.18 -23.92
CA TRP C 119 -17.95 28.18 -22.88
C TRP C 119 -16.92 28.76 -21.94
N PHE C 120 -17.28 28.82 -20.66
CA PHE C 120 -16.43 29.30 -19.58
C PHE C 120 -16.34 28.24 -18.50
N TRP C 121 -15.22 28.26 -17.75
CA TRP C 121 -15.05 27.46 -16.56
C TRP C 121 -14.73 28.42 -15.43
N VAL C 122 -15.17 28.06 -14.22
CA VAL C 122 -14.90 28.86 -13.03
C VAL C 122 -14.35 27.92 -11.97
N GLU C 123 -13.23 28.30 -11.35
CA GLU C 123 -12.72 27.63 -10.17
C GLU C 123 -13.00 28.56 -9.00
N CYS C 124 -13.54 28.02 -7.91
CA CYS C 124 -13.85 28.88 -6.78
C CYS C 124 -14.03 28.01 -5.55
N ARG C 125 -14.25 28.65 -4.41
N ARG C 125 -14.24 28.65 -4.41
CA ARG C 125 -14.72 28.00 -3.21
CA ARG C 125 -14.75 27.99 -3.23
C ARG C 125 -16.08 28.56 -2.85
C ARG C 125 -16.14 28.49 -2.95
N GLY C 126 -16.79 27.86 -1.98
CA GLY C 126 -18.11 28.29 -1.56
C GLY C 126 -18.32 27.89 -0.12
N GLU C 127 -19.12 28.69 0.58
CA GLU C 127 -19.38 28.35 1.98
C GLU C 127 -20.66 29.00 2.45
N GLY C 128 -21.19 28.44 3.53
CA GLY C 128 -22.44 28.94 4.10
C GLY C 128 -23.05 27.89 5.00
N ALA C 129 -24.02 28.33 5.78
CA ALA C 129 -24.84 27.40 6.53
C ALA C 129 -25.52 26.41 5.60
N ILE C 130 -25.69 25.18 6.07
CA ILE C 130 -26.47 24.19 5.35
C ILE C 130 -27.59 23.73 6.26
N VAL C 131 -28.82 23.85 5.77
CA VAL C 131 -30.05 23.59 6.52
C VAL C 131 -30.84 22.56 5.71
N PHE C 132 -30.36 21.36 5.69
N PHE C 132 -30.34 21.34 5.69
CA PHE C 132 -30.95 20.27 4.92
CA PHE C 132 -30.92 20.24 4.93
C PHE C 132 -32.04 19.59 5.72
C PHE C 132 -32.04 19.59 5.73
N PRO C 133 -33.20 19.34 5.13
CA PRO C 133 -34.28 18.68 5.87
C PRO C 133 -33.84 17.37 6.51
N GLY C 134 -34.10 17.25 7.81
CA GLY C 134 -33.84 16.03 8.54
C GLY C 134 -32.41 15.83 8.98
N TYR C 135 -31.56 16.82 8.78
CA TYR C 135 -30.18 16.80 9.23
C TYR C 135 -29.97 17.98 10.18
N PRO C 136 -29.02 17.89 11.09
CA PRO C 136 -28.74 19.05 11.94
C PRO C 136 -28.22 20.20 11.09
N ARG C 137 -28.61 21.42 11.48
CA ARG C 137 -28.03 22.61 10.87
C ARG C 137 -26.53 22.55 10.98
N GLY C 138 -25.85 22.91 9.89
CA GLY C 138 -24.41 22.80 9.83
C GLY C 138 -23.77 23.94 9.03
N GLN C 139 -22.46 23.81 8.89
CA GLN C 139 -21.66 24.73 8.08
C GLN C 139 -20.95 23.92 7.02
N TYR C 140 -21.09 24.34 5.77
CA TYR C 140 -20.58 23.63 4.61
C TYR C 140 -19.59 24.51 3.89
N ARG C 141 -18.40 23.97 3.61
CA ARG C 141 -17.38 24.66 2.84
C ARG C 141 -16.85 23.67 1.81
N ASN C 142 -16.62 24.12 0.59
CA ASN C 142 -16.09 23.18 -0.40
C ASN C 142 -15.41 23.95 -1.51
N HIS C 143 -14.63 23.21 -2.29
CA HIS C 143 -14.04 23.68 -3.52
C HIS C 143 -14.97 23.30 -4.67
N PHE C 144 -15.12 24.21 -5.66
CA PHE C 144 -16.01 23.98 -6.77
C PHE C 144 -15.39 24.32 -8.10
N LEU C 145 -15.80 23.57 -9.14
CA LEU C 145 -15.62 23.92 -10.53
C LEU C 145 -17.01 24.10 -11.13
N HIS C 146 -17.20 25.16 -11.91
CA HIS C 146 -18.43 25.36 -12.64
C HIS C 146 -18.13 25.41 -14.13
N SER C 147 -19.03 24.85 -14.92
CA SER C 147 -19.04 24.95 -16.36
C SER C 147 -20.23 25.81 -16.78
N PHE C 148 -19.99 26.80 -17.65
CA PHE C 148 -21.06 27.66 -18.15
C PHE C 148 -21.05 27.65 -19.66
N ARG C 149 -22.12 27.20 -20.27
CA ARG C 149 -22.26 27.23 -21.72
C ARG C 149 -23.38 28.18 -22.08
N PHE C 150 -23.18 28.99 -23.12
CA PHE C 150 -24.05 30.09 -23.48
C PHE C 150 -24.71 29.91 -24.84
N GLU C 151 -25.86 30.57 -24.96
CA GLU C 151 -26.58 30.64 -26.22
C GLU C 151 -27.24 32.02 -26.26
N ASN C 152 -26.89 32.81 -27.27
CA ASN C 152 -27.49 34.12 -27.52
C ASN C 152 -27.50 34.97 -26.25
N GLY C 153 -26.37 34.99 -25.56
CA GLY C 153 -26.16 35.98 -24.54
C GLY C 153 -26.59 35.55 -23.16
N LEU C 154 -27.14 34.34 -23.02
CA LEU C 154 -27.58 33.83 -21.74
C LEU C 154 -27.09 32.40 -21.51
N ILE C 155 -27.17 31.95 -20.26
CA ILE C 155 -26.67 30.63 -19.90
C ILE C 155 -27.64 29.55 -20.39
N LYS C 156 -27.14 28.63 -21.21
CA LYS C 156 -27.84 27.44 -21.66
C LYS C 156 -27.61 26.26 -20.73
N GLU C 157 -26.41 26.13 -20.17
CA GLU C 157 -26.10 25.01 -19.28
C GLU C 157 -25.09 25.46 -18.25
N GLN C 158 -25.47 25.35 -16.98
CA GLN C 158 -24.57 25.51 -15.85
C GLN C 158 -24.42 24.17 -15.17
N ARG C 159 -23.19 23.77 -14.89
CA ARG C 159 -22.94 22.53 -14.16
C ARG C 159 -21.91 22.79 -13.07
N GLU C 160 -22.18 22.23 -11.90
CA GLU C 160 -21.37 22.41 -10.70
C GLU C 160 -20.73 21.08 -10.32
N PHE C 161 -19.42 21.10 -10.01
CA PHE C 161 -18.66 19.90 -9.67
C PHE C 161 -17.93 20.10 -8.35
N MET C 162 -18.07 19.19 -7.43
CA MET C 162 -17.38 19.27 -6.16
C MET C 162 -17.12 17.87 -5.63
N ASN C 163 -16.44 17.82 -4.50
CA ASN C 163 -16.20 16.56 -3.78
C ASN C 163 -17.34 16.34 -2.79
N PRO C 164 -18.27 15.41 -3.03
CA PRO C 164 -19.39 15.23 -2.10
C PRO C 164 -18.96 14.83 -0.69
N CYS C 165 -17.75 14.31 -0.49
CA CYS C 165 -17.32 13.96 0.85
C CYS C 165 -17.39 15.15 1.79
N GLU C 166 -17.11 16.37 1.29
CA GLU C 166 -17.15 17.52 2.18
C GLU C 166 -18.58 17.89 2.53
N GLN C 167 -19.53 17.62 1.65
CA GLN C 167 -20.92 17.87 2.01
C GLN C 167 -21.41 16.83 2.99
N PHE C 168 -20.97 15.57 2.84
CA PHE C 168 -21.25 14.55 3.86
C PHE C 168 -20.80 15.03 5.23
N ARG C 169 -19.57 15.52 5.34
CA ARG C 169 -19.06 16.01 6.62
C ARG C 169 -19.94 17.12 7.18
N SER C 170 -20.40 18.02 6.31
CA SER C 170 -21.22 19.13 6.79
C SER C 170 -22.56 18.67 7.34
N LEU C 171 -23.05 17.52 6.90
CA LEU C 171 -24.31 16.95 7.32
C LEU C 171 -24.17 15.92 8.45
N GLY C 172 -22.96 15.73 8.98
CA GLY C 172 -22.72 14.75 10.00
C GLY C 172 -22.75 13.32 9.51
N ILE C 173 -22.64 13.12 8.20
CA ILE C 173 -22.64 11.79 7.59
C ILE C 173 -21.20 11.26 7.58
N GLU C 174 -21.03 10.01 7.98
CA GLU C 174 -19.71 9.40 8.01
C GLU C 174 -19.18 9.19 6.59
N VAL C 175 -17.93 9.58 6.37
CA VAL C 175 -17.26 9.44 5.07
C VAL C 175 -16.43 8.18 5.10
N PRO C 176 -16.58 7.26 4.15
CA PRO C 176 -15.71 6.08 4.17
C PRO C 176 -14.27 6.48 3.91
N GLU C 177 -13.36 5.66 4.42
CA GLU C 177 -11.93 5.89 4.28
C GLU C 177 -11.34 4.78 3.42
N VAL C 178 -10.63 5.16 2.38
CA VAL C 178 -9.83 4.22 1.61
C VAL C 178 -8.60 3.89 2.43
N ARG C 179 -8.37 2.61 2.67
CA ARG C 179 -7.21 2.19 3.46
C ARG C 179 -5.95 2.48 2.66
N ARG C 180 -4.97 3.13 3.31
CA ARG C 180 -3.76 3.54 2.63
C ARG C 180 -2.52 2.77 3.05
N ASP C 181 -2.68 1.75 3.90
CA ASP C 181 -1.52 1.02 4.41
C ASP C 181 -0.66 0.46 3.30
N GLY C 182 -1.29 -0.04 2.23
CA GLY C 182 -0.58 -0.64 1.13
C GLY C 182 -0.03 0.32 0.10
N LEU C 183 -0.22 1.63 0.32
CA LEU C 183 0.13 2.62 -0.68
C LEU C 183 1.49 3.22 -0.40
N PRO C 184 2.17 3.69 -1.46
CA PRO C 184 3.46 4.34 -1.27
C PRO C 184 3.34 5.59 -0.41
N SER C 185 4.37 5.85 0.39
CA SER C 185 4.47 7.08 1.17
C SER C 185 5.03 8.19 0.30
N GLU D 32 1.67 40.34 -35.55
CA GLU D 32 2.83 40.68 -34.73
C GLU D 32 3.63 39.43 -34.38
N ASN D 33 4.95 39.56 -34.23
CA ASN D 33 5.72 38.49 -33.62
C ASN D 33 5.12 38.13 -32.26
N ARG D 34 4.40 39.07 -31.65
CA ARG D 34 3.47 38.78 -30.56
C ARG D 34 4.08 37.78 -29.61
N ALA D 35 3.41 36.64 -29.41
CA ALA D 35 4.01 35.60 -28.58
C ALA D 35 3.09 34.39 -28.40
N GLN D 36 1.84 34.66 -28.03
CA GLN D 36 1.08 33.64 -27.32
C GLN D 36 0.61 32.49 -28.22
N VAL D 37 0.41 32.70 -29.52
CA VAL D 37 -0.19 31.63 -30.32
C VAL D 37 0.66 30.37 -30.26
N ALA D 38 1.94 30.49 -30.64
CA ALA D 38 2.81 29.31 -30.68
C ALA D 38 2.98 28.71 -29.28
N ALA D 39 3.11 29.56 -28.25
CA ALA D 39 3.25 29.10 -26.87
C ALA D 39 2.01 28.38 -26.39
N ARG D 40 0.83 28.92 -26.71
CA ARG D 40 -0.39 28.21 -26.37
C ARG D 40 -0.46 26.92 -27.17
N GLN D 41 -0.05 26.97 -28.44
CA GLN D 41 -0.01 25.75 -29.25
C GLN D 41 0.96 24.75 -28.67
N HIS D 42 2.13 25.23 -28.22
CA HIS D 42 3.10 24.31 -27.63
C HIS D 42 2.53 23.66 -26.38
N ASN D 43 2.00 24.45 -25.46
CA ASN D 43 1.44 23.88 -24.23
C ASN D 43 0.27 22.97 -24.53
N ARG D 44 -0.58 23.34 -25.48
CA ARG D 44 -1.68 22.47 -25.85
C ARG D 44 -1.17 21.11 -26.32
N LYS D 45 -0.08 21.09 -27.10
CA LYS D 45 0.48 19.82 -27.56
C LYS D 45 0.94 18.99 -26.38
N ILE D 46 1.47 19.62 -25.33
CA ILE D 46 1.87 18.88 -24.13
C ILE D 46 0.64 18.33 -23.42
N VAL D 47 -0.44 19.12 -23.32
CA VAL D 47 -1.65 18.62 -22.66
C VAL D 47 -2.18 17.42 -23.42
N GLU D 48 -2.25 17.52 -24.75
CA GLU D 48 -2.67 16.40 -25.58
C GLU D 48 -1.81 15.16 -25.35
N GLN D 49 -0.48 15.33 -25.35
CA GLN D 49 0.38 14.18 -25.15
C GLN D 49 0.15 13.56 -23.79
N TYR D 50 0.03 14.38 -22.73
CA TYR D 50 -0.26 13.86 -21.41
C TYR D 50 -1.55 13.02 -21.45
N MET D 51 -2.62 13.58 -22.03
CA MET D 51 -3.91 12.93 -21.96
C MET D 51 -3.93 11.64 -22.76
N HIS D 52 -3.06 11.53 -23.77
CA HIS D 52 -2.99 10.32 -24.58
C HIS D 52 -1.93 9.33 -24.11
N THR D 53 -1.19 9.63 -23.04
CA THR D 53 -0.16 8.72 -22.57
C THR D 53 -0.78 7.53 -21.85
N ARG D 54 -0.46 6.33 -22.34
CA ARG D 54 -0.99 5.08 -21.82
C ARG D 54 0.10 4.04 -21.78
N GLY D 55 -0.17 2.96 -21.04
CA GLY D 55 0.71 1.81 -21.07
C GLY D 55 2.10 2.16 -20.57
N GLU D 56 3.11 1.50 -21.15
CA GLU D 56 4.49 1.70 -20.70
C GLU D 56 4.95 3.14 -20.85
N ALA D 57 4.38 3.88 -21.79
CA ALA D 57 4.77 5.28 -21.95
C ALA D 57 4.50 6.11 -20.68
N ARG D 58 3.62 5.66 -19.81
CA ARG D 58 3.40 6.40 -18.57
C ARG D 58 4.68 6.51 -17.74
N LEU D 59 5.62 5.59 -17.93
CA LEU D 59 6.85 5.67 -17.16
C LEU D 59 7.69 6.88 -17.51
N LYS D 60 7.42 7.52 -18.64
CA LYS D 60 8.17 8.71 -19.01
C LYS D 60 7.30 9.97 -19.02
N ARG D 61 6.06 9.88 -18.56
CA ARG D 61 5.19 11.05 -18.58
C ARG D 61 5.72 12.16 -17.67
N HIS D 62 6.52 11.83 -16.66
CA HIS D 62 7.05 12.86 -15.79
C HIS D 62 7.99 13.81 -16.53
N LEU D 63 8.52 13.41 -17.68
CA LEU D 63 9.36 14.32 -18.44
C LEU D 63 8.56 15.48 -19.06
N LEU D 64 7.23 15.44 -18.98
CA LEU D 64 6.40 16.56 -19.41
C LEU D 64 6.28 17.64 -18.34
N PHE D 65 6.92 17.44 -17.19
CA PHE D 65 6.86 18.35 -16.05
C PHE D 65 8.16 19.10 -15.88
N THR D 66 8.06 20.26 -15.25
CA THR D 66 9.25 20.94 -14.76
C THR D 66 9.91 20.11 -13.67
N GLU D 67 11.18 20.42 -13.39
CA GLU D 67 11.90 19.69 -12.37
C GLU D 67 11.16 19.72 -11.04
N ASP D 68 10.48 20.83 -10.73
CA ASP D 68 9.74 21.00 -9.49
C ASP D 68 8.24 20.85 -9.68
N GLY D 69 7.84 20.18 -10.75
CA GLY D 69 6.43 20.04 -11.06
C GLY D 69 5.70 19.17 -10.05
N VAL D 70 4.39 19.43 -9.95
CA VAL D 70 3.51 18.76 -9.01
C VAL D 70 2.37 18.17 -9.83
N GLY D 71 1.96 16.97 -9.48
CA GLY D 71 0.74 16.39 -10.03
C GLY D 71 0.02 15.67 -8.93
N GLY D 72 -1.23 15.34 -9.18
CA GLY D 72 -1.91 14.47 -8.24
C GLY D 72 -3.40 14.65 -8.25
N LEU D 73 -4.01 14.13 -7.19
CA LEU D 73 -5.45 13.99 -7.07
C LEU D 73 -5.97 14.97 -6.02
N TRP D 74 -6.84 15.88 -6.44
CA TRP D 74 -7.28 16.95 -5.55
C TRP D 74 -8.56 16.61 -4.82
N THR D 75 -9.22 15.51 -5.16
CA THR D 75 -10.52 15.16 -4.61
C THR D 75 -10.42 13.77 -4.01
N THR D 76 -10.39 13.69 -2.68
CA THR D 76 -10.25 12.42 -1.99
C THR D 76 -11.19 12.35 -0.81
N ASP D 77 -11.25 11.15 -0.18
CA ASP D 77 -12.15 10.98 0.95
C ASP D 77 -11.78 11.93 2.10
N SER D 78 -10.49 12.22 2.27
CA SER D 78 -10.08 13.01 3.43
C SER D 78 -10.40 14.50 3.27
N GLY D 79 -10.63 14.96 2.03
CA GLY D 79 -10.78 16.37 1.76
C GLY D 79 -9.47 17.08 1.46
N GLN D 80 -8.32 16.41 1.61
CA GLN D 80 -7.03 17.00 1.34
C GLN D 80 -6.46 16.47 0.03
N PRO D 81 -5.81 17.29 -0.78
CA PRO D 81 -5.21 16.75 -2.02
C PRO D 81 -4.08 15.79 -1.70
N ILE D 82 -3.85 14.86 -2.62
CA ILE D 82 -2.69 13.97 -2.57
C ILE D 82 -1.77 14.44 -3.71
N ALA D 83 -0.72 15.16 -3.33
CA ALA D 83 0.14 15.83 -4.30
C ALA D 83 1.47 15.09 -4.38
N ILE D 84 1.92 14.79 -5.60
CA ILE D 84 3.21 14.17 -5.83
C ILE D 84 4.14 15.29 -6.30
N ARG D 85 5.21 15.56 -5.52
CA ARG D 85 5.97 16.80 -5.66
C ARG D 85 7.35 16.51 -6.24
N GLY D 86 7.56 16.98 -7.46
CA GLY D 86 8.88 16.90 -8.04
C GLY D 86 8.90 15.90 -9.17
N ARG D 87 9.62 16.22 -10.24
CA ARG D 87 9.64 15.34 -11.39
C ARG D 87 10.15 13.96 -11.03
N GLU D 88 11.15 13.88 -10.15
CA GLU D 88 11.68 12.56 -9.80
C GLU D 88 10.65 11.73 -9.06
N LYS D 89 9.92 12.33 -8.11
CA LYS D 89 8.87 11.60 -7.40
C LYS D 89 7.71 11.25 -8.31
N LEU D 90 7.40 12.11 -9.29
CA LEU D 90 6.38 11.77 -10.26
C LEU D 90 6.79 10.56 -11.07
N GLY D 91 8.06 10.50 -11.48
CA GLY D 91 8.52 9.34 -12.22
C GLY D 91 8.47 8.08 -11.39
N GLU D 92 8.85 8.18 -10.11
CA GLU D 92 8.74 7.03 -9.23
C GLU D 92 7.29 6.60 -9.07
N HIS D 93 6.36 7.55 -8.99
CA HIS D 93 4.98 7.19 -8.72
C HIS D 93 4.32 6.50 -9.90
N ALA D 94 4.81 6.75 -11.11
CA ALA D 94 4.26 6.11 -12.29
C ALA D 94 4.46 4.60 -12.24
N VAL D 95 5.55 4.15 -11.64
CA VAL D 95 5.73 2.71 -11.48
C VAL D 95 4.58 2.11 -10.68
N TRP D 96 4.21 2.76 -9.59
CA TRP D 96 3.07 2.28 -8.83
C TRP D 96 1.79 2.34 -9.66
N SER D 97 1.58 3.44 -10.39
CA SER D 97 0.36 3.60 -11.15
C SER D 97 0.21 2.50 -12.19
N LEU D 98 1.32 2.06 -12.78
CA LEU D 98 1.23 0.98 -13.77
C LEU D 98 0.85 -0.34 -13.15
N GLN D 99 1.04 -0.52 -11.86
CA GLN D 99 0.62 -1.75 -11.20
C GLN D 99 -0.83 -1.65 -10.76
N CYS D 100 -1.26 -0.49 -10.29
CA CYS D 100 -2.56 -0.39 -9.65
C CYS D 100 -3.64 0.10 -10.59
N PHE D 101 -3.26 0.77 -11.67
CA PHE D 101 -4.16 1.13 -12.76
C PHE D 101 -3.53 0.66 -14.06
N PRO D 102 -3.48 -0.64 -14.28
CA PRO D 102 -2.56 -1.18 -15.31
C PRO D 102 -2.96 -0.83 -16.74
N ASP D 103 -4.24 -0.55 -17.00
CA ASP D 103 -4.70 -0.36 -18.37
C ASP D 103 -5.49 0.94 -18.49
N TRP D 104 -5.15 1.94 -17.69
CA TRP D 104 -5.92 3.17 -17.60
C TRP D 104 -5.92 3.91 -18.93
N VAL D 105 -7.10 4.38 -19.35
CA VAL D 105 -7.22 5.22 -20.54
C VAL D 105 -8.08 6.43 -20.20
N TRP D 106 -7.65 7.61 -20.66
CA TRP D 106 -8.53 8.78 -20.69
C TRP D 106 -9.30 8.85 -22.02
N THR D 107 -10.61 9.10 -21.94
CA THR D 107 -11.49 9.13 -23.10
C THR D 107 -12.30 10.43 -23.10
N ASP D 108 -13.02 10.67 -24.22
CA ASP D 108 -13.90 11.84 -24.30
C ASP D 108 -13.16 13.11 -23.92
N ILE D 109 -11.94 13.24 -24.42
CA ILE D 109 -11.05 14.34 -24.02
C ILE D 109 -11.47 15.63 -24.70
N GLN D 110 -11.78 16.66 -23.91
CA GLN D 110 -12.02 18.01 -24.40
C GLN D 110 -11.02 18.96 -23.73
N ILE D 111 -10.18 19.58 -24.53
CA ILE D 111 -9.14 20.45 -23.99
C ILE D 111 -9.61 21.89 -24.12
N PHE D 112 -9.50 22.64 -23.02
CA PHE D 112 -9.90 24.05 -23.00
C PHE D 112 -8.68 24.93 -22.80
N GLU D 113 -8.36 25.74 -23.80
CA GLU D 113 -7.40 26.82 -23.62
C GLU D 113 -8.07 27.89 -22.77
N THR D 114 -7.27 28.77 -22.19
CA THR D 114 -7.85 29.89 -21.46
C THR D 114 -7.14 31.17 -21.86
N GLN D 115 -7.56 32.28 -21.23
CA GLN D 115 -6.92 33.56 -21.47
C GLN D 115 -5.47 33.57 -20.98
N ASP D 116 -5.11 32.65 -20.09
CA ASP D 116 -3.74 32.45 -19.65
C ASP D 116 -3.12 31.42 -20.57
N PRO D 117 -2.11 31.75 -21.37
CA PRO D 117 -1.54 30.74 -22.27
C PRO D 117 -0.90 29.60 -21.52
N ASN D 118 -0.67 29.76 -20.23
CA ASN D 118 -0.08 28.73 -19.41
C ASN D 118 -1.08 27.99 -18.54
N TRP D 119 -2.36 28.12 -18.81
CA TRP D 119 -3.37 27.45 -17.98
C TRP D 119 -4.41 26.81 -18.89
N PHE D 120 -4.56 25.49 -18.76
CA PHE D 120 -5.53 24.73 -19.53
C PHE D 120 -6.40 23.93 -18.59
N TRP D 121 -7.61 23.65 -19.04
CA TRP D 121 -8.49 22.72 -18.33
C TRP D 121 -8.89 21.63 -19.30
N VAL D 122 -9.12 20.44 -18.77
CA VAL D 122 -9.52 19.31 -19.59
C VAL D 122 -10.72 18.67 -18.94
N GLU D 123 -11.78 18.46 -19.72
CA GLU D 123 -12.88 17.63 -19.28
C GLU D 123 -12.77 16.30 -20.02
N CYS D 124 -12.89 15.20 -19.28
CA CYS D 124 -12.76 13.90 -19.91
C CYS D 124 -13.41 12.84 -19.02
N ARG D 125 -13.38 11.61 -19.51
CA ARG D 125 -13.69 10.46 -18.70
C ARG D 125 -12.44 9.59 -18.64
N GLY D 126 -12.47 8.60 -17.77
CA GLY D 126 -11.36 7.66 -17.67
C GLY D 126 -11.91 6.31 -17.29
N GLU D 127 -11.18 5.26 -17.69
CA GLU D 127 -11.62 3.91 -17.39
C GLU D 127 -10.44 2.97 -17.30
N GLY D 128 -10.57 1.96 -16.43
CA GLY D 128 -9.55 0.93 -16.36
C GLY D 128 -9.80 0.04 -15.15
N ALA D 129 -9.07 -1.06 -15.14
CA ALA D 129 -9.02 -1.90 -13.95
C ALA D 129 -8.44 -1.08 -12.79
N ILE D 130 -8.94 -1.36 -11.58
CA ILE D 130 -8.37 -0.79 -10.37
C ILE D 130 -7.90 -1.94 -9.50
N VAL D 131 -6.60 -1.95 -9.20
CA VAL D 131 -5.93 -3.01 -8.44
C VAL D 131 -5.28 -2.34 -7.23
N PHE D 132 -6.10 -1.90 -6.30
CA PHE D 132 -5.68 -1.14 -5.14
C PHE D 132 -5.24 -2.09 -4.04
N PRO D 133 -4.10 -1.85 -3.41
CA PRO D 133 -3.66 -2.75 -2.36
C PRO D 133 -4.73 -3.01 -1.31
N GLY D 134 -5.08 -4.27 -1.09
CA GLY D 134 -6.00 -4.64 -0.03
C GLY D 134 -7.47 -4.62 -0.40
N TYR D 135 -7.80 -4.36 -1.66
CA TYR D 135 -9.18 -4.33 -2.13
C TYR D 135 -9.36 -5.34 -3.25
N PRO D 136 -10.57 -5.84 -3.46
CA PRO D 136 -10.81 -6.72 -4.62
C PRO D 136 -10.49 -5.99 -5.91
N ARG D 137 -9.91 -6.72 -6.87
CA ARG D 137 -9.74 -6.14 -8.20
C ARG D 137 -11.09 -5.72 -8.75
N GLY D 138 -11.14 -4.53 -9.36
CA GLY D 138 -12.38 -3.95 -9.83
C GLY D 138 -12.19 -3.26 -11.16
N GLN D 139 -13.28 -2.68 -11.65
CA GLN D 139 -13.28 -1.86 -12.85
C GLN D 139 -13.76 -0.48 -12.43
N TYR D 140 -13.03 0.55 -12.84
CA TYR D 140 -13.27 1.92 -12.37
C TYR D 140 -13.53 2.78 -13.59
N ARG D 141 -14.67 3.47 -13.60
CA ARG D 141 -15.02 4.44 -14.62
C ARG D 141 -15.39 5.73 -13.92
N ASN D 142 -14.93 6.88 -14.42
CA ASN D 142 -15.37 8.11 -13.80
C ASN D 142 -15.24 9.26 -14.78
N HIS D 143 -15.87 10.37 -14.41
CA HIS D 143 -15.72 11.65 -15.06
C HIS D 143 -14.63 12.44 -14.35
N PHE D 144 -13.84 13.18 -15.11
CA PHE D 144 -12.72 13.93 -14.54
C PHE D 144 -12.62 15.33 -15.09
N LEU D 145 -12.10 16.25 -14.27
CA LEU D 145 -11.61 17.53 -14.73
C LEU D 145 -10.13 17.60 -14.36
N HIS D 146 -9.31 18.07 -15.29
CA HIS D 146 -7.90 18.30 -15.02
C HIS D 146 -7.57 19.78 -15.21
N SER D 147 -6.69 20.27 -14.35
CA SER D 147 -6.06 21.58 -14.46
C SER D 147 -4.59 21.38 -14.79
N PHE D 148 -4.10 22.07 -15.83
CA PHE D 148 -2.69 22.04 -16.20
C PHE D 148 -2.17 23.46 -16.21
N ARG D 149 -1.20 23.73 -15.36
CA ARG D 149 -0.52 25.03 -15.38
C ARG D 149 0.93 24.82 -15.80
N PHE D 150 1.41 25.69 -16.68
CA PHE D 150 2.71 25.55 -17.31
C PHE D 150 3.68 26.63 -16.85
N GLU D 151 4.96 26.29 -16.88
N GLU D 151 4.96 26.28 -16.89
CA GLU D 151 6.06 27.23 -16.70
CA GLU D 151 6.06 27.23 -16.70
C GLU D 151 7.14 26.84 -17.69
C GLU D 151 7.17 26.85 -17.67
N ASN D 152 7.57 27.79 -18.51
CA ASN D 152 8.70 27.59 -19.40
C ASN D 152 8.56 26.28 -20.19
N GLY D 153 7.37 26.09 -20.75
CA GLY D 153 7.17 25.06 -21.75
C GLY D 153 6.81 23.69 -21.21
N LEU D 154 6.72 23.52 -19.89
CA LEU D 154 6.46 22.22 -19.28
C LEU D 154 5.44 22.39 -18.16
N ILE D 155 4.88 21.26 -17.70
CA ILE D 155 3.82 21.28 -16.69
C ILE D 155 4.42 21.57 -15.32
N LYS D 156 4.00 22.68 -14.71
CA LYS D 156 4.35 23.01 -13.35
C LYS D 156 3.38 22.41 -12.35
N GLU D 157 2.10 22.34 -12.69
CA GLU D 157 1.11 21.79 -11.76
C GLU D 157 0.00 21.13 -12.54
N GLN D 158 -0.23 19.85 -12.28
CA GLN D 158 -1.37 19.11 -12.79
C GLN D 158 -2.23 18.76 -11.60
N ARG D 159 -3.53 18.95 -11.74
CA ARG D 159 -4.47 18.59 -10.68
C ARG D 159 -5.64 17.87 -11.32
N GLU D 160 -6.06 16.77 -10.67
CA GLU D 160 -7.18 15.94 -11.11
C GLU D 160 -8.34 16.06 -10.13
N PHE D 161 -9.56 16.29 -10.66
CA PHE D 161 -10.78 16.43 -9.86
C PHE D 161 -11.81 15.39 -10.32
N MET D 162 -12.35 14.63 -9.37
CA MET D 162 -13.38 13.66 -9.68
C MET D 162 -14.33 13.54 -8.49
N ASN D 163 -15.39 12.79 -8.68
CA ASN D 163 -16.27 12.42 -7.58
C ASN D 163 -15.79 11.13 -6.95
N PRO D 164 -15.26 11.17 -5.73
CA PRO D 164 -14.66 9.94 -5.15
C PRO D 164 -15.68 8.85 -4.92
N CYS D 165 -16.97 9.18 -4.85
CA CYS D 165 -17.98 8.16 -4.64
C CYS D 165 -17.89 7.07 -5.70
N GLU D 166 -17.55 7.44 -6.94
CA GLU D 166 -17.45 6.41 -7.98
C GLU D 166 -16.23 5.52 -7.75
N GLN D 167 -15.15 6.08 -7.20
CA GLN D 167 -14.01 5.25 -6.88
C GLN D 167 -14.33 4.34 -5.69
N PHE D 168 -15.08 4.85 -4.71
CA PHE D 168 -15.55 3.99 -3.64
C PHE D 168 -16.30 2.78 -4.19
N ARG D 169 -17.26 3.02 -5.10
CA ARG D 169 -18.00 1.91 -5.66
C ARG D 169 -17.08 0.90 -6.34
N SER D 170 -16.09 1.39 -7.09
CA SER D 170 -15.20 0.47 -7.80
C SER D 170 -14.40 -0.40 -6.85
N LEU D 171 -14.17 0.06 -5.61
CA LEU D 171 -13.44 -0.68 -4.60
C LEU D 171 -14.34 -1.50 -3.69
N GLY D 172 -15.66 -1.48 -3.88
CA GLY D 172 -16.55 -2.22 -3.02
C GLY D 172 -16.90 -1.50 -1.73
N ILE D 173 -16.59 -0.22 -1.63
CA ILE D 173 -16.81 0.55 -0.42
C ILE D 173 -18.20 1.16 -0.48
N GLU D 174 -18.96 1.02 0.62
CA GLU D 174 -20.32 1.51 0.70
C GLU D 174 -20.30 3.03 0.66
N VAL D 175 -21.12 3.61 -0.19
CA VAL D 175 -21.25 5.06 -0.34
C VAL D 175 -22.47 5.51 0.48
N PRO D 176 -22.32 6.49 1.37
CA PRO D 176 -23.50 6.94 2.12
C PRO D 176 -24.47 7.63 1.18
N GLU D 177 -25.73 7.66 1.61
CA GLU D 177 -26.81 8.21 0.81
C GLU D 177 -27.40 9.37 1.57
N VAL D 178 -27.32 10.57 0.98
CA VAL D 178 -28.03 11.72 1.54
C VAL D 178 -29.53 11.45 1.43
N ARG D 179 -30.25 11.63 2.54
CA ARG D 179 -31.70 11.42 2.54
C ARG D 179 -32.37 12.53 1.74
N ARG D 180 -33.14 12.16 0.72
CA ARG D 180 -33.76 13.15 -0.15
C ARG D 180 -35.26 13.32 0.08
N ASP D 181 -35.83 12.62 1.07
CA ASP D 181 -37.27 12.67 1.21
C ASP D 181 -37.79 14.08 1.41
N GLY D 182 -37.04 14.91 2.12
CA GLY D 182 -37.48 16.24 2.42
C GLY D 182 -37.24 17.26 1.33
N LEU D 183 -36.64 16.84 0.24
CA LEU D 183 -36.25 17.73 -0.82
C LEU D 183 -37.30 17.79 -1.91
N PRO D 184 -37.37 18.89 -2.65
CA PRO D 184 -38.28 18.94 -3.81
C PRO D 184 -37.83 17.99 -4.90
N SER D 185 -38.80 17.33 -5.53
CA SER D 185 -38.52 16.43 -6.63
C SER D 185 -39.75 16.30 -7.51
C11 A1IAG E . -1.25 -23.12 18.93
C11 A1IAG E . -1.26 -23.14 18.88
C12 A1IAG E . -2.43 -22.44 18.62
C12 A1IAG E . -2.43 -22.46 18.57
C13 A1IAG E . -2.85 -21.30 19.27
C13 A1IAG E . -2.84 -21.32 19.21
C21 A1IAG E . 1.32 -26.09 19.47
C21 A1IAG E . 1.34 -26.09 19.53
C22 A1IAG E . 2.66 -25.90 19.80
C22 A1IAG E . 2.68 -25.88 19.83
C24 A1IAG E . 3.18 -24.62 19.97
C24 A1IAG E . 3.19 -24.58 19.92
C25 A1IAG E . 2.36 -23.51 19.80
C25 A1IAG E . 2.37 -23.49 19.71
C26 A1IAG E . 0.99 -23.70 19.48
C26 A1IAG E . 0.99 -23.71 19.41
C15 A1IAG E . -4.79 -21.23 17.84
C15 A1IAG E . -4.78 -21.22 17.81
C17 A1IAG E . -4.36 -22.35 17.19
C17 A1IAG E . -4.38 -22.37 17.16
C02 A1IAG E . 0.40 -21.20 19.40
C02 A1IAG E . 0.38 -21.22 19.21
C03 A1IAG E . -0.07 -20.14 18.40
C03 A1IAG E . -0.08 -20.22 18.14
C04 A1IAG E . -0.27 -18.83 18.82
C04 A1IAG E . -0.24 -20.62 16.82
C05 A1IAG E . -0.69 -17.87 17.93
C05 A1IAG E . -0.67 -19.69 15.88
C06 A1IAG E . -0.92 -18.21 16.62
C06 A1IAG E . -0.93 -18.38 16.25
C07 A1IAG E . -0.73 -19.51 16.23
C07 A1IAG E . -0.77 -17.98 17.56
C09 A1IAG E . -0.31 -20.49 17.10
C09 A1IAG E . -0.34 -18.91 18.50
C10 A1IAG E . 0.03 -22.67 19.24
C10 A1IAG E . 0.02 -22.69 19.15
C14 A1IAG E . -4.04 -20.69 18.88
C14 A1IAG E . -4.02 -20.70 18.84
C18 A1IAG E . -3.18 -22.95 17.58
C18 A1IAG E . -3.19 -22.98 17.54
C20 A1IAG E . 0.51 -24.98 19.31
C20 A1IAG E . 0.51 -24.99 19.33
O01 A1IAG E . 1.04 -20.83 20.34
O01 A1IAG E . 1.02 -20.81 20.14
O16 A1IAG E . -5.97 -20.60 17.44
O16 A1IAG E . -5.97 -20.60 17.42
O23 A1IAG E . 3.44 -27.03 19.94
O23 A1IAG E . 3.49 -26.98 20.03
S19 A1IAG E . -1.17 -24.86 18.91
S19 A1IAG E . -1.17 -24.88 18.95
BR1 A1IAG E . -1.06 -20.00 14.40
BR1 A1IAG E . -1.13 -16.15 18.12
H131 A1IAG E . -2.27 -20.89 20.09
H131 A1IAG E . -2.24 -20.91 20.03
H211 A1IAG E . 0.93 -27.09 19.33
H211 A1IAG E . 0.94 -27.09 19.46
H241 A1IAG E . 4.22 -24.49 20.24
H241 A1IAG E . 4.24 -24.43 20.15
H251 A1IAG E . 2.76 -22.51 19.92
H251 A1IAG E . 2.77 -22.49 19.77
H171 A1IAG E . -4.95 -22.77 16.38
H171 A1IAG E . -4.98 -22.78 16.36
H041 A1IAG E . -0.08 -18.57 19.86
H041 A1IAG E . -0.05 -21.64 16.52
H051 A1IAG E . -0.84 -16.85 18.27
H051 A1IAG E . -0.80 -19.99 14.85
H061 A1IAG E . -1.24 -17.47 15.91
H061 A1IAG E . -1.25 -17.66 15.50
H091 A1IAG E . -0.17 -21.52 16.76
H091 A1IAG E . -0.21 -18.60 19.53
H141 A1IAG E . -4.38 -19.79 19.39
H141 A1IAG E . -4.33 -19.79 19.34
H181 A1IAG E . -2.82 -23.83 17.05
H181 A1IAG E . -2.86 -23.87 17.02
H161 A1IAG E . -6.66 -21.26 17.37
H161 A1IAG E . -6.66 -21.24 17.36
H231 A1IAG E . 2.93 -27.71 20.37
H231 A1IAG E . 2.96 -27.70 20.35
O1 MES F . 3.99 -17.40 19.91
C2 MES F . 2.67 -17.24 19.36
C3 MES F . 2.02 -15.98 19.94
N4 MES F . 2.84 -14.85 19.54
C5 MES F . 4.22 -15.02 19.97
C6 MES F . 4.79 -16.33 19.49
C7 MES F . 2.43 -13.52 20.03
C8 MES F . 1.02 -13.12 19.67
S MES F . 1.08 -11.75 18.72
O1S MES F . -0.23 -11.60 18.06
O2S MES F . 2.15 -11.98 17.70
O3S MES F . 1.41 -10.52 19.46
H21 MES F . 2.72 -17.17 18.27
H22 MES F . 2.06 -18.11 19.61
H31 MES F . 1.98 -16.04 21.03
H32 MES F . 1.01 -15.86 19.57
HN4 MES F . 2.72 -14.86 18.54
H51 MES F . 4.82 -14.19 19.59
H52 MES F . 4.27 -14.98 21.07
H61 MES F . 4.85 -16.32 18.40
H62 MES F . 5.80 -16.45 19.89
H71 MES F . 2.53 -13.51 21.11
H72 MES F . 3.12 -12.78 19.62
H81 MES F . 0.52 -13.93 19.12
H82 MES F . 0.45 -12.92 20.57
C1 GOL G . 0.81 -14.86 13.39
O1 GOL G . 0.61 -14.95 14.79
C2 GOL G . -0.54 -14.40 12.79
O2 GOL G . -1.57 -14.55 13.70
C3 GOL G . -0.36 -12.91 12.38
O3 GOL G . 0.44 -12.90 11.27
H11 GOL G . 1.08 -15.70 13.00
H12 GOL G . 1.51 -14.23 13.15
HO1 GOL G . 0.14 -14.26 15.01
H2 GOL G . -0.76 -14.93 12.01
HO2 GOL G . -1.76 -13.79 14.01
H31 GOL G . 0.01 -12.42 13.14
H32 GOL G . -1.24 -12.51 12.24
C1 GOL H . 7.40 -19.49 1.09
O1 GOL H . 6.21 -18.97 0.64
C2 GOL H . 7.38 -21.00 0.84
O2 GOL H . 6.31 -21.37 0.03
C3 GOL H . 8.74 -21.33 0.19
O3 GOL H . 9.78 -20.93 1.07
H11 GOL H . 7.55 -19.32 2.02
H12 GOL H . 8.16 -19.10 0.62
HO1 GOL H . 6.06 -18.29 1.12
H2 GOL H . 7.28 -21.47 1.68
HO2 GOL H . 5.92 -20.66 -0.23
H31 GOL H . 8.79 -20.90 -0.68
H32 GOL H . 8.76 -22.29 0.00
HO3 GOL H . 9.76 -21.47 1.73
C1 GOL I . 18.74 -6.29 -0.45
O1 GOL I . 19.10 -4.97 -0.19
C2 GOL I . 19.23 -6.64 -1.89
O2 GOL I . 19.75 -5.54 -2.54
C3 GOL I . 20.26 -7.77 -1.70
O3 GOL I . 20.72 -8.10 -2.98
H11 GOL I . 17.78 -6.44 -0.40
H12 GOL I . 19.14 -6.92 0.18
HO1 GOL I . 18.98 -4.83 0.64
H2 GOL I . 18.49 -6.94 -2.43
H31 GOL I . 19.85 -8.51 -1.23
H32 GOL I . 20.96 -7.45 -1.11
HO3 GOL I . 20.45 -8.90 -3.13
C11 A1IAG J . 23.60 -32.94 19.29
C11 A1IAG J . 23.59 -32.96 19.26
C12 A1IAG J . 24.96 -33.14 19.18
C12 A1IAG J . 24.94 -33.18 19.15
C13 A1IAG J . 25.52 -33.90 18.18
C13 A1IAG J . 25.51 -33.94 18.17
C21 A1IAG J . 20.05 -32.37 20.93
C21 A1IAG J . 20.05 -32.34 20.94
C22 A1IAG J . 18.90 -32.09 20.19
C22 A1IAG J . 18.90 -32.10 20.20
C24 A1IAG J . 18.97 -31.99 18.81
C24 A1IAG J . 18.94 -32.06 18.81
C25 A1IAG J . 20.15 -32.16 18.15
C25 A1IAG J . 20.11 -32.27 18.14
C26 A1IAG J . 21.32 -32.45 18.89
C26 A1IAG J . 21.31 -32.52 18.88
C15 A1IAG J . 27.67 -33.39 19.11
C15 A1IAG J . 27.67 -33.40 19.09
C17 A1IAG J . 27.10 -32.62 20.11
C17 A1IAG J . 27.09 -32.63 20.08
C02 A1IAG J . 22.89 -32.58 16.86
C02 A1IAG J . 22.79 -32.72 16.81
C03 A1IAG J . 24.09 -31.77 16.34
C03 A1IAG J . 24.00 -32.08 16.16
C04 A1IAG J . 24.56 -30.64 16.96
C04 A1IAG J . 24.51 -32.67 15.02
C05 A1IAG J . 25.64 -29.96 16.43
C05 A1IAG J . 25.61 -32.13 14.39
C06 A1IAG J . 26.26 -30.44 15.29
C06 A1IAG J . 26.19 -31.00 14.91
C07 A1IAG J . 25.79 -31.60 14.68
C07 A1IAG J . 25.66 -30.43 16.05
C09 A1IAG J . 24.71 -32.25 15.21
C09 A1IAG J . 24.57 -30.96 16.70
C10 A1IAG J . 22.63 -32.66 18.35
C10 A1IAG J . 22.59 -32.73 18.32
C14 A1IAG J . 26.90 -34.03 18.16
C14 A1IAG J . 26.89 -34.06 18.14
C18 A1IAG J . 25.73 -32.50 20.13
C18 A1IAG J . 25.71 -32.51 20.09
C20 A1IAG J . 21.24 -32.56 20.26
C20 A1IAG J . 21.25 -32.55 20.26
O01 A1IAG J . 22.17 -33.12 16.07
O01 A1IAG J . 22.00 -33.24 16.08
O16 A1IAG J . 29.06 -33.53 19.08
O16 A1IAG J . 29.05 -33.53 19.06
O23 A1IAG J . 17.71 -31.91 20.88
O23 A1IAG J . 17.71 -31.88 20.91
S19 A1IAG J . 22.86 -32.92 20.84
S19 A1IAG J . 22.86 -32.88 20.82
BR1 A1IAG J . 26.61 -32.33 13.08
BR1 A1IAG J . 26.51 -28.89 16.73
H131 A1IAG J . 24.90 -34.39 17.44
H131 A1IAG J . 24.90 -34.44 17.43
H211 A1IAG J . 19.99 -32.45 22.01
H211 A1IAG J . 20.02 -32.36 22.02
H241 A1IAG J . 18.07 -31.77 18.24
H241 A1IAG J . 18.03 -31.87 18.25
H251 A1IAG J . 20.19 -32.08 17.06
H251 A1IAG J . 20.14 -32.24 17.06
H171 A1IAG J . 27.71 -32.14 20.85
H171 A1IAG J . 27.70 -32.12 20.81
H041 A1IAG J . 24.08 -30.26 17.86
H041 A1IAG J . 24.04 -33.55 14.61
H051 A1IAG J . 26.01 -29.06 16.90
H051 A1IAG J . 26.01 -32.59 13.51
H061 A1IAG J . 27.12 -29.93 14.88
H061 A1IAG J . 27.05 -30.55 14.43
H091 A1IAG J . 24.34 -33.16 14.73
H091 A1IAG J . 24.18 -30.50 17.60
H141 A1IAG J . 27.37 -34.63 17.38
H141 A1IAG J . 27.38 -34.66 17.38
H181 A1IAG J . 25.25 -31.90 20.90
H181 A1IAG J . 25.24 -31.90 20.84
H161 A1IAG J . 29.28 -34.29 19.59
H161 A1IAG J . 29.28 -34.28 19.59
H231 A1IAG J . 17.67 -32.50 21.61
H231 A1IAG J . 17.66 -32.50 21.62
O1 MES K . 20.97 -32.07 11.89
C2 MES K . 21.06 -31.76 10.51
C3 MES K . 22.25 -32.45 9.88
N4 MES K . 23.45 -31.99 10.55
C5 MES K . 23.37 -31.97 12.03
C6 MES K . 22.05 -31.41 12.53
C7 MES K . 24.71 -32.67 10.20
C8 MES K . 24.85 -33.04 8.73
S MES K . 26.08 -32.14 8.07
O1S MES K . 27.30 -32.43 8.80
O2S MES K . 25.72 -30.71 8.26
O3S MES K . 26.27 -32.42 6.62
H21 MES K . 21.17 -30.67 10.39
H22 MES K . 20.15 -32.06 10.00
H31 MES K . 22.31 -32.21 8.81
H32 MES K . 22.15 -33.54 9.97
HN4 MES K . 23.47 -31.06 10.18
H51 MES K . 23.50 -32.99 12.41
H52 MES K . 24.19 -31.35 12.42
H61 MES K . 21.97 -31.57 13.61
H62 MES K . 22.00 -30.34 12.34
H71 MES K . 25.54 -32.01 10.47
H72 MES K . 24.80 -33.58 10.80
H81 MES K . 25.07 -34.11 8.64
H82 MES K . 23.92 -32.85 8.21
O1 MES L . -23.94 23.17 -2.92
C2 MES L . -24.98 22.92 -3.84
C3 MES L . -26.04 23.99 -3.68
N4 MES L . -25.48 25.35 -3.73
C5 MES L . -24.26 25.57 -3.00
C6 MES L . -23.31 24.41 -3.23
C7 MES L . -26.59 26.29 -3.47
C8 MES L . -26.18 27.73 -3.19
S MES L . -26.68 28.65 -4.48
O1S MES L . -26.01 28.12 -5.71
O2S MES L . -26.33 30.08 -4.29
O3S MES L . -28.12 28.55 -4.64
H21 MES L . -24.59 22.93 -4.86
H22 MES L . -25.41 21.93 -3.66
H31 MES L . -26.55 23.86 -2.73
H32 MES L . -26.79 23.88 -4.48
HN4 MES L . -25.11 25.53 -4.66
H51 MES L . -24.47 25.67 -1.94
H52 MES L . -23.79 26.50 -3.34
H61 MES L . -22.43 24.54 -2.62
H62 MES L . -23.00 24.40 -4.28
H71 MES L . -27.16 25.92 -2.62
H72 MES L . -27.25 26.28 -4.34
H81 MES L . -26.65 28.08 -2.27
H82 MES L . -25.10 27.79 -3.06
C11 A1IAG M . -29.51 17.51 -3.30
C11 A1IAG M . -29.53 17.45 -3.35
C12 A1IAG M . -30.70 18.17 -3.59
C12 A1IAG M . -30.71 18.12 -3.64
C13 A1IAG M . -31.11 19.36 -3.03
C13 A1IAG M . -31.07 19.31 -3.06
C21 A1IAG M . -26.94 14.54 -2.68
C21 A1IAG M . -26.94 14.52 -2.63
C22 A1IAG M . -25.60 14.72 -2.44
C22 A1IAG M . -25.60 14.72 -2.43
C24 A1IAG M . -25.05 15.99 -2.40
C24 A1IAG M . -25.04 16.00 -2.47
C25 A1IAG M . -25.86 17.10 -2.61
C25 A1IAG M . -25.87 17.08 -2.71
C26 A1IAG M . -27.24 16.93 -2.85
C26 A1IAG M . -27.26 16.88 -2.92
C15 A1IAG M . -33.13 19.29 -4.34
C15 A1IAG M . -33.12 19.31 -4.34
C17 A1IAG M . -32.72 18.10 -4.90
C17 A1IAG M . -32.75 18.11 -4.92
C02 A1IAG M . -27.77 19.42 -3.07
C02 A1IAG M . -27.81 19.36 -3.27
C03 A1IAG M . -28.31 20.43 -4.08
C03 A1IAG M . -28.31 20.26 -4.40
C04 A1IAG M . -28.52 21.74 -3.69
C04 A1IAG M . -28.50 19.81 -5.69
C05 A1IAG M . -29.02 22.67 -4.58
C05 A1IAG M . -28.95 20.68 -6.67
C06 A1IAG M . -29.28 22.29 -5.88
C06 A1IAG M . -29.22 21.99 -6.36
C07 A1IAG M . -29.07 20.99 -6.26
C07 A1IAG M . -29.04 22.45 -5.06
C09 A1IAG M . -28.59 20.04 -5.38
C09 A1IAG M . -28.60 21.58 -4.09
C10 A1IAG M . -28.19 17.96 -3.10
C10 A1IAG M . -28.22 17.89 -3.19
C14 A1IAG M . -32.33 19.92 -3.41
C14 A1IAG M . -32.28 19.92 -3.42
C18 A1IAG M . -31.51 17.54 -4.53
C18 A1IAG M . -31.55 17.51 -4.57
C20 A1IAG M . -27.75 15.64 -2.89
C20 A1IAG M . -27.76 15.61 -2.87
O01 A1IAG M . -26.99 19.82 -2.27
O01 A1IAG M . -27.08 19.81 -2.45
O16 A1IAG M . -34.36 19.85 -4.72
O16 A1IAG M . -34.33 19.91 -4.71
O23 A1IAG M . -24.86 13.56 -2.25
O23 A1IAG M . -24.84 13.57 -2.19
S19 A1IAG M . -29.45 15.80 -3.21
S19 A1IAG M . -29.47 15.74 -3.17
BR1 A1IAG M . -29.48 20.49 -8.06
BR1 A1IAG M . -29.42 24.29 -4.54
H131 A1IAG M . -30.48 19.85 -2.29
H131 A1IAG M . -30.42 19.79 -2.34
H211 A1IAG M . -27.37 13.54 -2.71
H211 A1IAG M . -27.36 13.52 -2.60
H241 A1IAG M . -23.99 16.12 -2.21
H241 A1IAG M . -23.99 16.13 -2.30
H251 A1IAG M . -25.43 18.09 -2.59
H251 A1IAG M . -25.45 18.08 -2.75
H171 A1IAG M . -33.35 17.60 -5.63
H171 A1IAG M . -33.41 17.63 -5.64
H041 A1IAG M . -28.29 22.04 -2.67
H041 A1IAG M . -28.30 18.77 -5.94
H051 A1IAG M . -29.19 23.69 -4.26
H051 A1IAG M . -29.09 20.33 -7.68
H061 A1IAG M . -29.66 23.02 -6.58
H061 A1IAG M . -29.57 22.68 -7.12
H091 A1IAG M . -28.44 19.02 -5.69
H091 A1IAG M . -28.45 21.94 -3.07
H141 A1IAG M . -32.63 20.87 -2.97
H141 A1IAG M . -32.56 20.86 -2.98
H181 A1IAG M . -31.20 16.60 -4.97
H181 A1IAG M . -31.27 16.57 -5.01
H161 A1IAG M . -35.01 19.18 -4.80
H161 A1IAG M . -34.99 19.24 -4.83
H231 A1IAG M . -23.95 13.74 -2.44
H231 A1IAG M . -24.00 13.83 -1.83
C1 GOL N . -21.21 19.80 -21.72
O1 GOL N . -22.40 20.35 -22.13
C2 GOL N . -21.28 18.28 -21.95
O2 GOL N . -22.33 17.94 -22.79
C3 GOL N . -19.91 17.88 -22.54
O3 GOL N . -18.91 18.50 -21.76
H11 GOL N . -21.02 19.97 -20.78
H12 GOL N . -20.45 20.16 -22.21
HO1 GOL N . -22.47 21.08 -21.70
H2 GOL N . -21.45 17.82 -21.11
HO2 GOL N . -22.80 18.63 -22.91
H31 GOL N . -19.88 18.15 -23.48
H32 GOL N . -19.84 16.92 -22.56
HO3 GOL N . -18.91 18.11 -21.00
C1 GOL O . -28.06 25.12 -8.61
O1 GOL O . -26.74 25.28 -9.05
C2 GOL O . -28.94 26.16 -9.36
O2 GOL O . -30.29 25.89 -9.12
C3 GOL O . -28.57 26.07 -10.87
O3 GOL O . -28.06 27.35 -11.30
H11 GOL O . -28.15 25.25 -7.65
H12 GOL O . -28.41 24.23 -8.80
H2 GOL O . -28.76 27.06 -9.04
HO2 GOL O . -30.37 25.61 -8.32
H31 GOL O . -29.37 25.80 -11.36
H32 GOL O . -27.93 25.35 -10.99
HO3 GOL O . -27.41 27.53 -10.78
C1 GOL P . -8.45 31.02 -25.82
O1 GOL P . -7.91 30.67 -27.06
C2 GOL P . -8.64 32.55 -25.80
O2 GOL P . -9.43 33.02 -26.84
C3 GOL P . -9.33 32.83 -24.45
O3 GOL P . -9.54 34.22 -24.40
H11 GOL P . -7.89 30.75 -25.08
H12 GOL P . -9.32 30.59 -25.66
HO1 GOL P . -7.71 29.83 -27.02
H2 GOL P . -7.78 32.98 -25.88
HO2 GOL P . -10.13 32.55 -26.88
H31 GOL P . -8.76 32.51 -23.72
H32 GOL P . -10.14 32.32 -24.39
HO3 GOL P . -9.96 34.38 -23.67
C11 A1IAG Q . -4.75 7.35 -3.17
C11 A1IAG Q . -4.76 7.31 -3.20
C12 A1IAG Q . -3.38 7.12 -3.32
C12 A1IAG Q . -3.39 7.07 -3.34
C13 A1IAG Q . -2.83 6.33 -4.29
C13 A1IAG Q . -2.83 6.27 -4.29
C21 A1IAG Q . -8.28 8.02 -1.46
C21 A1IAG Q . -8.26 8.06 -1.49
C22 A1IAG Q . -9.44 8.23 -2.19
C22 A1IAG Q . -9.44 8.23 -2.20
C24 A1IAG Q . -9.42 8.23 -3.58
C24 A1IAG Q . -9.44 8.15 -3.60
C25 A1IAG Q . -8.25 8.02 -4.27
C25 A1IAG Q . -8.27 7.90 -4.28
C26 A1IAG Q . -7.06 7.78 -3.53
C26 A1IAG Q . -7.07 7.71 -3.55
C15 A1IAG Q . -0.64 6.85 -3.42
C15 A1IAG Q . -0.63 6.83 -3.43
C17 A1IAG Q . -1.20 7.66 -2.46
C17 A1IAG Q . -1.21 7.65 -2.49
C02 A1IAG Q . -5.57 7.50 -5.60
C02 A1IAG Q . -5.64 7.32 -5.63
C03 A1IAG Q . -4.41 8.23 -6.25
C03 A1IAG Q . -4.47 7.92 -6.39
C04 A1IAG Q . -3.90 9.41 -5.71
C04 A1IAG Q . -4.02 7.31 -7.54
C05 A1IAG Q . -2.84 10.04 -6.33
C05 A1IAG Q . -2.94 7.85 -8.23
C06 A1IAG Q . -2.27 9.51 -7.48
C06 A1IAG Q . -2.35 9.01 -7.76
C07 A1IAG Q . -2.76 8.31 -7.99
C07 A1IAG Q . -2.83 9.60 -6.62
C09 A1IAG Q . -3.83 7.69 -7.39
C09 A1IAG Q . -3.88 9.07 -5.90
C10 A1IAG Q . -5.76 7.55 -4.09
C10 A1IAG Q . -5.79 7.45 -4.12
C14 A1IAG Q . -1.45 6.20 -4.34
C14 A1IAG Q . -1.44 6.14 -4.33
C18 A1IAG Q . -2.58 7.78 -2.41
C18 A1IAG Q . -2.59 7.78 -2.45
C20 A1IAG Q . -7.10 7.79 -2.16
C20 A1IAG Q . -7.09 7.79 -2.18
O01 A1IAG Q . -6.34 6.91 -6.28
O01 A1IAG Q . -6.43 6.71 -6.27
O16 A1IAG Q . 0.75 6.71 -3.49
O16 A1IAG Q . 0.75 6.70 -3.47
O23 A1IAG Q . -10.61 8.46 -1.46
O23 A1IAG Q . -10.61 8.49 -1.47
S19 A1IAG Q . -5.49 7.47 -1.60
S19 A1IAG Q . -5.47 7.51 -1.63
BR1 A1IAG Q . -2.00 7.51 -9.58
BR1 A1IAG Q . -1.99 11.19 -5.97
H131 A1IAG Q . -3.46 5.83 -5.00
H131 A1IAG Q . -3.45 5.74 -5.00
H211 A1IAG Q . -8.29 8.02 -0.39
H211 A1IAG Q . -8.26 8.12 -0.41
H241 A1IAG Q . -10.34 8.41 -4.12
H241 A1IAG Q . -10.36 8.28 -4.14
H251 A1IAG Q . -8.23 8.02 -5.35
H251 A1IAG Q . -8.28 7.84 -5.35
H171 A1IAG Q . -0.56 8.17 -1.74
H171 A1IAG Q . -0.59 8.19 -1.79
H041 A1IAG Q . -4.33 9.82 -4.81
H041 A1IAG Q . -4.48 6.41 -7.90
H051 A1IAG Q . -2.45 10.97 -5.92
H051 A1IAG Q . -2.57 7.37 -9.13
H061 A1IAG Q . -1.44 10.01 -7.95
H061 A1IAG Q . -1.51 9.45 -8.31
H091 A1IAG Q . -4.22 6.77 -7.80
H091 A1IAG Q . -4.23 9.55 -5.00
H141 A1IAG Q . -1.00 5.57 -5.10
H141 A1IAG Q . -0.99 5.50 -5.07
H181 A1IAG Q . -3.02 8.43 -1.66
H181 A1IAG Q . -3.04 8.43 -1.72
H161 A1IAG Q . 1.09 6.57 -2.62
H161 A1IAG Q . 1.08 6.56 -2.60
H231 A1IAG Q . -10.60 7.95 -0.66
H231 A1IAG Q . -10.61 7.97 -0.68
O1 MES R . -7.70 7.60 -10.39
C2 MES R . -7.87 7.98 -11.74
C3 MES R . -6.81 7.38 -12.64
N4 MES R . -5.49 7.68 -12.15
C5 MES R . -5.30 7.54 -10.70
C6 MES R . -6.47 8.15 -9.94
C7 MES R . -4.44 6.96 -12.87
C8 MES R . -3.98 7.78 -14.07
S MES R . -2.63 7.04 -14.71
O1S MES R . -1.51 7.52 -13.90
O2S MES R . -2.71 5.57 -14.56
O3S MES R . -2.51 7.35 -16.16
H21 MES R . -8.86 7.65 -12.08
H22 MES R . -7.84 9.07 -11.81
H31 MES R . -6.95 6.30 -12.69
H32 MES R . -6.93 7.78 -13.65
HN4 MES R . -5.40 8.67 -12.33
H51 MES R . -5.21 6.48 -10.45
H52 MES R . -4.37 8.05 -10.41
H61 MES R . -6.34 7.96 -8.87
H62 MES R . -6.47 9.24 -10.08
H71 MES R . -4.83 5.99 -13.21
H72 MES R . -3.59 6.76 -12.21
H81 MES R . -3.73 8.80 -13.75
H82 MES R . -4.77 7.83 -14.81
C1 GOL S . 0.95 13.02 -12.12
O1 GOL S . 0.48 13.81 -13.16
C2 GOL S . -0.01 11.82 -12.01
O2 GOL S . 0.65 10.68 -11.57
C3 GOL S . -1.10 12.27 -11.03
O3 GOL S . -1.92 11.14 -10.83
H11 GOL S . 0.99 13.49 -11.29
H12 GOL S . 1.85 12.70 -12.29
H2 GOL S . -0.39 11.60 -12.87
H31 GOL S . -1.58 13.03 -11.41
H32 GOL S . -0.69 12.59 -10.21
HO3 GOL S . -1.40 10.48 -10.73
#